data_2PU4
#
_entry.id   2PU4
#
_cell.length_a   110.389
_cell.length_b   91.104
_cell.length_c   82.534
_cell.angle_alpha   90.00
_cell.angle_beta   90.00
_cell.angle_gamma   90.00
#
_symmetry.space_group_name_H-M   'P 21 21 2'
#
loop_
_entity.id
_entity.type
_entity.pdbx_description
1 polymer Beta-lactamase
2 non-polymer 'DIMETHYL SULFOXIDE'
3 non-polymer 'TERT-BUTYL [(1R)-2-METHYL-1-(1,3,4-OXADIAZOL-2-YL)PROPYL]CARBAMATE'
4 non-polymer 'SULFATE ION'
5 non-polymer 'TERT-BUTYL [(1S)-2-METHYL-1-(1,3,4-OXADIAZOL-2-YL)PROPYL]CARBAMATE'
6 water water
#
_entity_poly.entity_id   1
_entity_poly.type   'polypeptide(L)'
_entity_poly.pdbx_seq_one_letter_code
;APQQINDIVHRTITPLIEQQKIPGMAVAVIYQGKPYYFTWGYADIAKKQPVTQQTLFELGSVSKTFTGVLGGDAIARGEI
KLSDPTTKYWPELTAKQWNGITLLHLATYTAGGLPLQVPDEVKSSSDLLRFYQNWQPAWAPGTQRLYANSSIGLFGALAV
KPSGLSFEQAMQTRVFQPLKLNHTWINVPPAEEKNYAWGYREGKAVHVSPGALDAEAYGVKSTIEDMARWVQSNLKPLDI
NEKTLQQGIQLAQSRYWQTGDMYQGLGWEMLDWPVNPDSIINGSDNKIALAARPVKAITPPTPAVRASWVHKTGATGGFG
SYVAFIPEKELGIVMLANKNYPNPARVDAAWQILNALQ
;
_entity_poly.pdbx_strand_id   A,B
#
# COMPACT_ATOMS: atom_id res chain seq x y z
N ALA A 1 -33.96 2.52 -1.95
CA ALA A 1 -34.16 3.30 -0.70
C ALA A 1 -35.63 3.30 -0.30
N PRO A 2 -35.90 3.10 1.02
CA PRO A 2 -37.20 3.33 1.63
C PRO A 2 -37.83 4.61 1.10
N GLN A 3 -39.15 4.61 0.86
CA GLN A 3 -39.81 5.76 0.23
C GLN A 3 -39.67 7.05 1.06
N GLN A 4 -39.63 6.90 2.39
CA GLN A 4 -39.38 8.00 3.33
C GLN A 4 -38.11 8.78 2.93
N ILE A 5 -37.06 8.04 2.59
CA ILE A 5 -35.78 8.62 2.20
C ILE A 5 -35.85 9.25 0.80
N ASN A 6 -36.37 8.50 -0.18
CA ASN A 6 -36.62 9.03 -1.55
C ASN A 6 -37.33 10.39 -1.53
N ASP A 7 -38.38 10.49 -0.72
CA ASP A 7 -39.21 11.68 -0.63
C ASP A 7 -38.46 12.93 -0.16
N ILE A 8 -37.82 12.86 1.00
CA ILE A 8 -37.08 14.02 1.50
C ILE A 8 -35.83 14.34 0.66
N VAL A 9 -35.11 13.30 0.21
CA VAL A 9 -33.95 13.50 -0.66
C VAL A 9 -34.33 14.29 -1.91
N HIS A 10 -35.33 13.79 -2.64
CA HIS A 10 -35.78 14.43 -3.87
C HIS A 10 -36.29 15.85 -3.67
N ARG A 11 -37.10 16.06 -2.63
CA ARG A 11 -37.65 17.37 -2.29
C ARG A 11 -36.58 18.39 -1.91
N THR A 12 -35.50 17.90 -1.30
CA THR A 12 -34.39 18.76 -0.82
C THR A 12 -33.30 19.01 -1.87
N ILE A 13 -32.78 17.94 -2.48
CA ILE A 13 -31.63 18.09 -3.40
C ILE A 13 -31.97 18.72 -4.76
N THR A 14 -33.12 18.41 -5.34
CA THR A 14 -33.49 18.99 -6.66
C THR A 14 -33.45 20.53 -6.68
N PRO A 15 -34.13 21.18 -5.73
CA PRO A 15 -34.03 22.64 -5.64
C PRO A 15 -32.59 23.16 -5.42
N LEU A 16 -31.83 22.48 -4.57
CA LEU A 16 -30.44 22.84 -4.30
C LEU A 16 -29.57 22.86 -5.58
N ILE A 17 -29.64 21.79 -6.38
CA ILE A 17 -28.87 21.69 -7.61
C ILE A 17 -29.22 22.80 -8.60
N GLU A 18 -30.52 23.09 -8.74
CA GLU A 18 -31.04 24.22 -9.52
C GLU A 18 -30.58 25.61 -9.01
N GLN A 19 -30.76 25.88 -7.72
CA GLN A 19 -30.37 27.18 -7.12
C GLN A 19 -28.86 27.43 -7.25
N GLN A 20 -28.08 26.37 -7.10
CA GLN A 20 -26.62 26.49 -7.07
C GLN A 20 -25.93 26.18 -8.40
N LYS A 21 -26.75 25.78 -9.39
CA LYS A 21 -26.31 25.35 -10.72
C LYS A 21 -25.16 24.32 -10.66
N ILE A 22 -25.37 23.31 -9.82
CA ILE A 22 -24.38 22.24 -9.61
C ILE A 22 -24.43 21.27 -10.82
N PRO A 23 -23.28 21.05 -11.49
CA PRO A 23 -23.19 20.19 -12.66
C PRO A 23 -23.52 18.73 -12.34
N GLY A 24 -23.03 18.25 -11.21
CA GLY A 24 -23.14 16.83 -10.87
C GLY A 24 -23.04 16.65 -9.37
N MET A 25 -23.74 15.64 -8.86
CA MET A 25 -23.92 15.46 -7.43
C MET A 25 -24.21 13.98 -7.08
N ALA A 26 -23.60 13.50 -6.00
CA ALA A 26 -23.91 12.21 -5.41
C ALA A 26 -24.21 12.43 -3.95
N VAL A 27 -25.22 11.72 -3.42
CA VAL A 27 -25.61 11.77 -2.02
C VAL A 27 -25.72 10.34 -1.46
N ALA A 28 -25.19 10.11 -0.25
CA ALA A 28 -25.51 8.88 0.47
C ALA A 28 -26.25 9.23 1.75
N VAL A 29 -27.35 8.54 2.02
CA VAL A 29 -27.98 8.56 3.33
C VAL A 29 -27.69 7.24 4.05
N ILE A 30 -27.18 7.34 5.26
CA ILE A 30 -27.04 6.19 6.15
C ILE A 30 -28.23 6.18 7.09
N TYR A 31 -29.11 5.19 6.94
CA TYR A 31 -30.32 5.09 7.77
C TYR A 31 -30.36 3.74 8.46
N GLN A 32 -30.50 3.76 9.78
CA GLN A 32 -30.37 2.56 10.60
C GLN A 32 -29.14 1.73 10.19
N GLY A 33 -28.01 2.44 10.02
CA GLY A 33 -26.74 1.79 9.69
C GLY A 33 -26.49 1.41 8.23
N LYS A 34 -27.50 1.52 7.37
CA LYS A 34 -27.40 1.03 5.99
C LYS A 34 -27.36 2.20 4.99
N PRO A 35 -26.54 2.08 3.91
CA PRO A 35 -26.35 3.14 2.92
C PRO A 35 -27.35 3.08 1.75
N TYR A 36 -27.80 4.24 1.32
CA TYR A 36 -28.74 4.40 0.21
C TYR A 36 -28.20 5.53 -0.64
N TYR A 37 -28.13 5.32 -1.95
CA TYR A 37 -27.41 6.21 -2.88
C TYR A 37 -28.32 6.94 -3.90
N PHE A 38 -27.88 8.12 -4.33
CA PHE A 38 -28.56 8.97 -5.29
C PHE A 38 -27.50 9.74 -6.07
N THR A 39 -27.66 9.78 -7.39
CA THR A 39 -26.75 10.57 -8.24
C THR A 39 -27.56 11.47 -9.20
N TRP A 40 -27.00 12.63 -9.53
CA TRP A 40 -27.61 13.58 -10.51
C TRP A 40 -26.49 14.11 -11.39
N GLY A 41 -26.80 14.39 -12.65
CA GLY A 41 -25.89 15.13 -13.52
C GLY A 41 -24.62 14.49 -14.03
N TYR A 42 -23.62 15.35 -14.24
CA TYR A 42 -22.45 15.06 -15.07
C TYR A 42 -21.15 15.19 -14.32
N ALA A 43 -20.37 14.11 -14.38
CA ALA A 43 -19.00 14.10 -13.89
C ALA A 43 -18.13 14.84 -14.89
N ASP A 44 -18.47 14.71 -16.17
CA ASP A 44 -17.78 15.41 -17.26
C ASP A 44 -18.84 15.89 -18.25
N ILE A 45 -19.05 17.20 -18.25
CA ILE A 45 -20.08 17.82 -19.10
C ILE A 45 -19.75 17.68 -20.57
N ALA A 46 -18.51 18.02 -20.94
CA ALA A 46 -18.07 17.97 -22.33
C ALA A 46 -18.22 16.58 -22.96
N LYS A 47 -17.85 15.55 -22.20
CA LYS A 47 -17.86 14.16 -22.67
C LYS A 47 -19.17 13.45 -22.30
N LYS A 48 -20.12 14.21 -21.76
CA LYS A 48 -21.46 13.74 -21.38
C LYS A 48 -21.39 12.50 -20.48
N GLN A 49 -20.44 12.48 -19.56
CA GLN A 49 -20.32 11.36 -18.61
C GLN A 49 -21.16 11.62 -17.37
N PRO A 50 -22.08 10.71 -17.06
CA PRO A 50 -22.96 10.91 -15.93
C PRO A 50 -22.22 10.68 -14.60
N VAL A 51 -22.67 11.33 -13.53
CA VAL A 51 -22.27 10.89 -12.19
C VAL A 51 -22.85 9.51 -11.92
N THR A 52 -21.99 8.61 -11.44
CA THR A 52 -22.39 7.28 -11.02
C THR A 52 -21.88 6.99 -9.60
N GLN A 53 -22.22 5.81 -9.06
CA GLN A 53 -21.76 5.40 -7.73
C GLN A 53 -20.25 5.09 -7.70
N GLN A 54 -19.64 5.06 -8.89
CA GLN A 54 -18.19 4.88 -9.05
C GLN A 54 -17.42 6.17 -9.36
N THR A 55 -18.11 7.31 -9.44
CA THR A 55 -17.45 8.60 -9.74
C THR A 55 -16.65 9.10 -8.54
N LEU A 56 -15.40 9.48 -8.80
CA LEU A 56 -14.54 10.07 -7.76
C LEU A 56 -14.73 11.59 -7.72
N PHE A 57 -14.90 12.12 -6.51
CA PHE A 57 -15.01 13.55 -6.27
C PHE A 57 -13.78 13.97 -5.45
N GLU A 58 -13.36 15.22 -5.56
CA GLU A 58 -12.37 15.75 -4.60
C GLU A 58 -13.07 16.10 -3.31
N LEU A 59 -12.58 15.55 -2.18
CA LEU A 59 -13.20 15.76 -0.86
C LEU A 59 -12.81 17.09 -0.23
N GLY A 60 -11.70 17.68 -0.67
CA GLY A 60 -11.28 18.95 -0.08
C GLY A 60 -10.92 18.65 1.37
N SER A 61 -11.30 19.54 2.28
CA SER A 61 -11.00 19.42 3.74
C SER A 61 -11.67 18.27 4.49
N VAL A 62 -12.65 17.61 3.87
CA VAL A 62 -13.21 16.38 4.46
C VAL A 62 -12.08 15.36 4.58
N SER A 63 -11.04 15.51 3.74
CA SER A 63 -9.76 14.81 3.90
C SER A 63 -9.18 14.85 5.32
N LYS A 64 -9.36 15.98 6.04
CA LYS A 64 -8.87 16.12 7.45
C LYS A 64 -9.37 15.07 8.43
N THR A 65 -10.56 14.53 8.16
CA THR A 65 -11.14 13.45 8.96
C THR A 65 -10.35 12.15 8.83
N PHE A 66 -9.86 11.85 7.64
CA PHE A 66 -8.94 10.70 7.47
C PHE A 66 -7.64 10.95 8.19
N THR A 67 -7.09 12.14 8.01
CA THR A 67 -5.87 12.54 8.67
C THR A 67 -6.00 12.40 10.21
N GLY A 68 -7.07 12.95 10.76
CA GLY A 68 -7.36 12.83 12.21
C GLY A 68 -7.41 11.40 12.73
N VAL A 69 -8.11 10.52 12.01
CA VAL A 69 -8.22 9.11 12.39
C VAL A 69 -6.88 8.39 12.26
N LEU A 70 -6.10 8.68 11.21
CA LEU A 70 -4.79 8.11 11.05
C LEU A 70 -3.86 8.52 12.21
N GLY A 71 -3.97 9.77 12.65
CA GLY A 71 -3.24 10.26 13.81
C GLY A 71 -3.70 9.57 15.08
N GLY A 72 -5.03 9.47 15.27
CA GLY A 72 -5.60 8.72 16.39
C GLY A 72 -5.11 7.27 16.43
N ASP A 73 -4.99 6.66 15.25
CA ASP A 73 -4.46 5.28 15.15
C ASP A 73 -3.01 5.18 15.62
N ALA A 74 -2.18 6.16 15.25
CA ALA A 74 -0.77 6.19 15.64
C ALA A 74 -0.60 6.45 17.14
N ILE A 75 -1.50 7.24 17.72
CA ILE A 75 -1.55 7.38 19.18
C ILE A 75 -1.85 6.05 19.86
N ALA A 76 -2.92 5.39 19.41
CA ALA A 76 -3.32 4.08 19.91
C ALA A 76 -2.21 3.01 19.75
N ARG A 77 -1.40 3.15 18.70
CA ARG A 77 -0.24 2.27 18.47
C ARG A 77 0.93 2.57 19.40
N GLY A 78 0.86 3.71 20.10
CA GLY A 78 1.95 4.13 20.96
C GLY A 78 3.10 4.77 20.24
N GLU A 79 2.89 5.15 18.97
CA GLU A 79 3.96 5.73 18.16
C GLU A 79 4.17 7.22 18.43
N ILE A 80 3.06 7.89 18.77
CA ILE A 80 3.07 9.32 19.06
C ILE A 80 2.17 9.61 20.27
N LYS A 81 2.38 10.76 20.90
CA LYS A 81 1.46 11.30 21.91
C LYS A 81 1.12 12.74 21.50
N LEU A 82 -0.15 13.12 21.61
CA LEU A 82 -0.57 14.50 21.34
C LEU A 82 0.08 15.51 22.26
N SER A 83 0.54 15.04 23.44
CA SER A 83 1.29 15.85 24.39
C SER A 83 2.76 16.07 24.03
N ASP A 84 3.19 15.45 22.94
CA ASP A 84 4.58 15.56 22.49
C ASP A 84 4.87 16.86 21.76
N PRO A 85 6.05 17.46 22.02
CA PRO A 85 6.49 18.64 21.27
C PRO A 85 6.55 18.31 19.79
N THR A 86 6.10 19.23 18.95
CA THR A 86 6.34 19.17 17.51
C THR A 86 7.79 18.78 17.15
N THR A 87 8.76 19.39 17.84
CA THR A 87 10.18 19.18 17.53
C THR A 87 10.73 17.76 17.81
N LYS A 88 10.03 16.98 18.63
CA LYS A 88 10.38 15.56 18.83
C LYS A 88 10.45 14.77 17.51
N TYR A 89 9.61 15.13 16.55
CA TYR A 89 9.50 14.38 15.30
C TYR A 89 10.06 15.15 14.13
N TRP A 90 10.57 16.34 14.41
CA TRP A 90 11.22 17.16 13.42
C TRP A 90 12.43 17.89 14.03
N PRO A 91 13.52 17.14 14.31
CA PRO A 91 14.71 17.72 14.97
C PRO A 91 15.36 18.91 14.22
N GLU A 92 15.12 19.03 12.92
CA GLU A 92 15.68 20.15 12.15
C GLU A 92 14.96 21.46 12.40
N LEU A 93 13.75 21.39 12.97
CA LEU A 93 12.97 22.58 13.37
C LEU A 93 13.47 23.15 14.71
N THR A 94 14.45 24.04 14.63
CA THR A 94 15.14 24.49 15.83
C THR A 94 14.66 25.87 16.34
N ALA A 95 13.70 26.46 15.63
CA ALA A 95 13.21 27.78 15.97
C ALA A 95 12.55 27.78 17.35
N LYS A 96 12.83 28.82 18.12
CA LYS A 96 12.49 28.88 19.53
C LYS A 96 11.02 29.12 19.85
N GLN A 97 10.29 29.72 18.90
CA GLN A 97 8.83 29.91 19.05
C GLN A 97 8.05 28.59 19.03
N TRP A 98 8.69 27.53 18.57
CA TRP A 98 8.08 26.20 18.54
C TRP A 98 8.00 25.53 19.90
N ASN A 99 8.81 26.03 20.85
CA ASN A 99 8.79 25.51 22.23
C ASN A 99 7.44 25.69 22.87
N GLY A 100 6.83 24.59 23.26
CA GLY A 100 5.51 24.63 23.85
C GLY A 100 4.43 24.31 22.85
N ILE A 101 4.78 24.19 21.57
CA ILE A 101 3.79 23.78 20.57
C ILE A 101 3.82 22.27 20.35
N THR A 102 2.76 21.60 20.82
CA THR A 102 2.64 20.14 20.73
C THR A 102 1.85 19.65 19.51
N LEU A 103 1.88 18.35 19.32
CA LEU A 103 1.06 17.72 18.29
C LEU A 103 -0.45 18.02 18.41
N LEU A 104 -0.96 18.13 19.63
CA LEU A 104 -2.35 18.55 19.86
C LEU A 104 -2.66 19.88 19.17
N HIS A 105 -1.80 20.87 19.43
CA HIS A 105 -1.92 22.23 18.94
C HIS A 105 -2.02 22.24 17.41
N LEU A 106 -1.10 21.50 16.77
CA LEU A 106 -1.11 21.31 15.32
C LEU A 106 -2.41 20.63 14.80
N ALA A 107 -2.82 19.54 15.44
CA ALA A 107 -4.02 18.79 15.03
C ALA A 107 -5.33 19.56 15.10
N THR A 108 -5.41 20.52 16.02
CA THR A 108 -6.66 21.18 16.40
C THR A 108 -6.63 22.71 16.14
N TYR A 109 -5.61 23.16 15.40
CA TYR A 109 -5.49 24.54 14.88
C TYR A 109 -5.23 25.58 15.96
N THR A 110 -4.57 25.17 17.05
CA THR A 110 -4.38 26.01 18.24
C THR A 110 -2.91 26.33 18.56
N ALA A 111 -2.06 26.28 17.54
CA ALA A 111 -0.64 26.53 17.65
C ALA A 111 -0.30 27.99 17.91
N GLY A 112 -1.18 28.89 17.49
CA GLY A 112 -0.97 30.32 17.68
C GLY A 112 -0.95 31.11 16.39
N GLY A 113 -1.79 30.70 15.42
CA GLY A 113 -1.93 31.46 14.17
C GLY A 113 -1.24 30.90 12.95
N LEU A 114 -0.90 29.61 12.93
CA LEU A 114 -0.41 29.05 11.66
C LEU A 114 -1.42 29.43 10.55
N PRO A 115 -0.95 29.78 9.33
CA PRO A 115 -1.89 30.34 8.36
C PRO A 115 -2.81 29.33 7.71
N LEU A 116 -3.86 29.84 7.07
CA LEU A 116 -4.86 29.02 6.40
C LEU A 116 -4.21 28.17 5.31
N GLN A 117 -3.37 28.76 4.48
CA GLN A 117 -2.63 28.00 3.46
C GLN A 117 -1.13 27.96 3.75
N VAL A 118 -0.52 26.82 3.46
CA VAL A 118 0.92 26.82 3.17
C VAL A 118 1.02 27.69 1.90
N PRO A 119 1.93 28.69 1.88
CA PRO A 119 2.12 29.55 0.69
C PRO A 119 2.44 28.73 -0.57
N ASP A 120 1.90 29.15 -1.72
CA ASP A 120 2.10 28.45 -3.02
C ASP A 120 3.59 28.34 -3.43
N GLU A 121 4.41 29.28 -2.94
CA GLU A 121 5.85 29.28 -3.21
C GLU A 121 6.61 28.17 -2.50
N VAL A 122 6.00 27.60 -1.47
CA VAL A 122 6.61 26.51 -0.71
C VAL A 122 6.42 25.20 -1.49
N LYS A 123 7.46 24.83 -2.24
CA LYS A 123 7.46 23.59 -3.02
C LYS A 123 8.32 22.50 -2.37
N SER A 124 9.60 22.78 -2.17
CA SER A 124 10.54 21.77 -1.73
C SER A 124 10.63 21.56 -0.21
N SER A 125 11.33 20.48 0.16
CA SER A 125 11.72 20.17 1.54
C SER A 125 12.37 21.32 2.29
N SER A 126 13.31 21.98 1.61
CA SER A 126 13.99 23.18 2.10
C SER A 126 13.01 24.32 2.31
N ASP A 127 12.13 24.55 1.34
CA ASP A 127 11.13 25.63 1.43
C ASP A 127 10.23 25.38 2.64
N LEU A 128 9.81 24.11 2.81
CA LEU A 128 8.89 23.74 3.87
C LEU A 128 9.48 24.03 5.24
N LEU A 129 10.73 23.60 5.41
CA LEU A 129 11.48 23.81 6.65
C LEU A 129 11.61 25.31 6.90
N ARG A 130 11.99 26.07 5.88
CA ARG A 130 12.13 27.52 6.08
C ARG A 130 10.81 28.23 6.44
N PHE A 131 9.71 27.80 5.84
CA PHE A 131 8.40 28.35 6.18
C PHE A 131 8.07 28.18 7.67
N TYR A 132 8.17 26.96 8.19
CA TYR A 132 7.84 26.72 9.61
C TYR A 132 8.90 27.33 10.55
N GLN A 133 10.16 27.24 10.16
CA GLN A 133 11.28 27.91 10.87
C GLN A 133 11.12 29.41 11.07
N ASN A 134 10.62 30.11 10.04
CA ASN A 134 10.56 31.57 10.08
C ASN A 134 9.20 32.09 10.54
N TRP A 135 8.22 31.19 10.68
CA TRP A 135 6.86 31.54 11.11
C TRP A 135 6.87 32.12 12.51
N GLN A 136 6.18 33.25 12.68
CA GLN A 136 6.07 33.91 13.98
C GLN A 136 4.62 33.90 14.43
N PRO A 137 4.31 33.35 15.62
CA PRO A 137 2.91 33.26 16.07
C PRO A 137 2.25 34.57 16.44
N ALA A 138 0.94 34.63 16.25
CA ALA A 138 0.10 35.78 16.60
C ALA A 138 -0.30 35.71 18.07
N TRP A 139 -0.40 34.49 18.59
CA TRP A 139 -0.86 34.21 19.96
C TRP A 139 -0.07 33.06 20.60
N ALA A 140 -0.24 32.90 21.91
CA ALA A 140 0.34 31.79 22.66
C ALA A 140 -0.30 30.48 22.18
N PRO A 141 0.39 29.34 22.38
CA PRO A 141 -0.22 28.07 22.00
C PRO A 141 -1.43 27.76 22.89
N GLY A 142 -2.46 27.12 22.33
CA GLY A 142 -3.62 26.68 23.12
C GLY A 142 -4.51 27.79 23.64
N THR A 143 -4.54 28.92 22.91
CA THR A 143 -5.41 30.06 23.26
C THR A 143 -6.46 30.39 22.20
N GLN A 144 -6.07 30.30 20.92
CA GLN A 144 -6.95 30.66 19.79
C GLN A 144 -6.97 29.53 18.78
N ARG A 145 -8.17 29.22 18.28
CA ARG A 145 -8.36 28.31 17.16
C ARG A 145 -8.49 29.13 15.89
N LEU A 146 -7.65 28.81 14.91
CA LEU A 146 -7.67 29.45 13.62
C LEU A 146 -7.51 28.35 12.58
N TYR A 147 -8.59 28.05 11.86
CA TYR A 147 -8.61 26.96 10.89
C TYR A 147 -7.46 27.10 9.84
N ALA A 148 -6.69 26.03 9.68
CA ALA A 148 -5.45 26.13 8.92
C ALA A 148 -5.00 24.83 8.28
N ASN A 149 -4.83 24.84 6.97
CA ASN A 149 -4.24 23.68 6.29
C ASN A 149 -2.80 23.45 6.77
N SER A 150 -2.08 24.53 7.11
CA SER A 150 -0.68 24.44 7.53
C SER A 150 -0.49 23.81 8.92
N SER A 151 -1.54 23.86 9.73
CA SER A 151 -1.54 23.25 11.06
C SER A 151 -1.77 21.72 11.03
N ILE A 152 -2.99 21.29 10.67
CA ILE A 152 -3.25 19.85 10.57
C ILE A 152 -2.39 19.13 9.49
N GLY A 153 -2.05 19.81 8.41
CA GLY A 153 -1.11 19.23 7.43
C GLY A 153 0.22 18.81 8.01
N LEU A 154 0.77 19.66 8.90
CA LEU A 154 2.01 19.32 9.57
C LEU A 154 1.82 18.20 10.58
N PHE A 155 0.74 18.29 11.37
CA PHE A 155 0.34 17.19 12.23
C PHE A 155 0.39 15.83 11.50
N GLY A 156 -0.31 15.73 10.37
CA GLY A 156 -0.33 14.49 9.59
C GLY A 156 1.04 14.03 9.09
N ALA A 157 1.90 14.95 8.66
CA ALA A 157 3.23 14.55 8.14
C ALA A 157 4.11 13.97 9.24
N LEU A 158 3.98 14.55 10.42
CA LEU A 158 4.73 14.14 11.62
C LEU A 158 4.16 12.90 12.35
N ALA A 159 2.85 12.73 12.30
CA ALA A 159 2.16 11.62 12.99
C ALA A 159 2.61 10.26 12.44
N VAL A 160 3.06 10.26 11.17
CA VAL A 160 3.45 9.01 10.49
C VAL A 160 4.95 8.71 10.51
N LYS A 161 5.74 9.59 11.12
CA LYS A 161 7.20 9.44 11.14
C LYS A 161 7.73 8.18 11.82
N PRO A 162 7.26 7.88 13.05
CA PRO A 162 7.70 6.65 13.72
C PRO A 162 7.37 5.32 13.01
N SER A 163 6.38 5.31 12.13
CA SER A 163 6.03 4.09 11.40
C SER A 163 6.99 3.75 10.25
N GLY A 164 7.77 4.73 9.79
CA GLY A 164 8.69 4.53 8.67
C GLY A 164 8.00 4.69 7.33
N LEU A 165 6.69 4.84 7.33
CA LEU A 165 5.94 4.92 6.09
C LEU A 165 5.69 6.38 5.69
N SER A 166 5.52 6.63 4.40
CA SER A 166 5.00 7.91 3.94
C SER A 166 3.56 8.08 4.39
N PHE A 167 3.09 9.33 4.43
CA PHE A 167 1.70 9.61 4.75
C PHE A 167 0.76 8.77 3.88
N GLU A 168 1.04 8.70 2.58
CA GLU A 168 0.22 7.90 1.66
C GLU A 168 0.24 6.40 1.95
N GLN A 169 1.41 5.85 2.29
CA GLN A 169 1.53 4.41 2.61
C GLN A 169 0.79 4.08 3.92
N ALA A 170 1.00 4.93 4.91
CA ALA A 170 0.32 4.80 6.19
C ALA A 170 -1.22 4.94 6.05
N MET A 171 -1.69 5.92 5.29
CA MET A 171 -3.15 6.06 5.01
C MET A 171 -3.77 4.82 4.33
N GLN A 172 -3.16 4.37 3.24
CA GLN A 172 -3.55 3.12 2.54
C GLN A 172 -3.59 1.89 3.47
N THR A 173 -2.48 1.65 4.15
CA THR A 173 -2.24 0.41 4.90
C THR A 173 -3.09 0.37 6.17
N ARG A 174 -3.26 1.52 6.83
CA ARG A 174 -3.81 1.54 8.18
C ARG A 174 -5.25 2.00 8.29
N VAL A 175 -5.79 2.60 7.23
CA VAL A 175 -7.15 3.15 7.24
C VAL A 175 -7.95 2.65 6.03
N PHE A 176 -7.51 2.99 4.82
CA PHE A 176 -8.27 2.62 3.60
C PHE A 176 -8.46 1.11 3.50
N GLN A 177 -7.36 0.36 3.68
CA GLN A 177 -7.41 -1.10 3.48
C GLN A 177 -8.25 -1.82 4.54
N PRO A 178 -7.97 -1.60 5.85
CA PRO A 178 -8.79 -2.25 6.88
C PRO A 178 -10.30 -1.97 6.72
N LEU A 179 -10.64 -0.75 6.31
CA LEU A 179 -12.02 -0.35 6.06
C LEU A 179 -12.58 -0.71 4.68
N LYS A 180 -11.77 -1.34 3.82
CA LYS A 180 -12.15 -1.73 2.46
C LYS A 180 -12.60 -0.53 1.60
N LEU A 181 -11.91 0.60 1.80
CA LEU A 181 -12.07 1.75 0.90
C LEU A 181 -11.19 1.60 -0.34
N ASN A 182 -11.66 0.75 -1.25
CA ASN A 182 -10.89 0.34 -2.40
C ASN A 182 -10.98 1.28 -3.59
N HIS A 183 -11.79 2.34 -3.47
CA HIS A 183 -11.90 3.41 -4.49
C HIS A 183 -11.72 4.82 -3.92
N THR A 184 -10.84 4.91 -2.92
CA THR A 184 -10.47 6.17 -2.24
C THR A 184 -8.95 6.29 -2.46
N TRP A 185 -8.52 7.46 -2.95
CA TRP A 185 -7.14 7.68 -3.42
C TRP A 185 -6.64 9.03 -2.95
N ILE A 186 -5.38 9.08 -2.56
CA ILE A 186 -4.65 10.36 -2.45
C ILE A 186 -4.13 10.78 -3.83
N ASN A 187 -3.69 9.79 -4.60
CA ASN A 187 -3.34 10.00 -5.98
C ASN A 187 -4.16 9.00 -6.79
N VAL A 188 -4.93 9.54 -7.74
CA VAL A 188 -5.77 8.75 -8.62
C VAL A 188 -4.88 8.03 -9.68
N PRO A 189 -4.96 6.69 -9.72
CA PRO A 189 -4.12 5.92 -10.65
C PRO A 189 -4.70 5.99 -12.07
N PRO A 190 -3.84 5.78 -13.11
CA PRO A 190 -4.30 5.94 -14.50
C PRO A 190 -5.58 5.17 -14.83
N ALA A 191 -5.70 3.93 -14.35
CA ALA A 191 -6.91 3.09 -14.57
C ALA A 191 -8.21 3.69 -14.02
N GLU A 192 -8.08 4.62 -13.08
CA GLU A 192 -9.23 5.22 -12.39
C GLU A 192 -9.61 6.59 -12.95
N GLU A 193 -8.70 7.19 -13.72
CA GLU A 193 -8.96 8.50 -14.33
C GLU A 193 -10.31 8.59 -15.08
N LYS A 194 -10.76 7.46 -15.65
CA LYS A 194 -12.06 7.41 -16.33
C LYS A 194 -13.21 7.78 -15.41
N ASN A 195 -13.02 7.53 -14.11
CA ASN A 195 -14.04 7.83 -13.09
C ASN A 195 -13.86 9.17 -12.34
N TYR A 196 -12.79 9.89 -12.64
CA TYR A 196 -12.44 11.08 -11.86
C TYR A 196 -13.23 12.26 -12.48
N ALA A 197 -14.25 12.68 -11.76
CA ALA A 197 -15.05 13.85 -12.14
C ALA A 197 -14.15 15.05 -12.38
N TRP A 198 -14.58 15.93 -13.28
CA TRP A 198 -13.97 17.24 -13.37
C TRP A 198 -14.69 18.14 -12.38
N GLY A 199 -13.98 19.13 -11.85
CA GLY A 199 -14.59 20.18 -11.02
C GLY A 199 -14.95 21.33 -11.95
N TYR A 200 -15.91 22.15 -11.56
CA TYR A 200 -16.31 23.29 -12.39
C TYR A 200 -16.23 24.63 -11.64
N ARG A 201 -15.42 25.54 -12.17
CA ARG A 201 -15.30 26.88 -11.60
C ARG A 201 -15.46 27.87 -12.72
N GLU A 202 -16.49 28.72 -12.59
CA GLU A 202 -16.90 29.64 -13.64
C GLU A 202 -16.94 28.99 -15.02
N GLY A 203 -17.63 27.85 -15.07
CA GLY A 203 -17.84 27.08 -16.28
C GLY A 203 -16.64 26.30 -16.80
N LYS A 204 -15.53 26.33 -16.05
CA LYS A 204 -14.29 25.69 -16.49
C LYS A 204 -13.99 24.39 -15.75
N ALA A 205 -13.62 23.36 -16.50
CA ALA A 205 -13.21 22.08 -15.94
C ALA A 205 -11.86 22.17 -15.21
N VAL A 206 -11.86 21.90 -13.90
CA VAL A 206 -10.65 22.04 -13.07
C VAL A 206 -10.42 20.86 -12.11
N HIS A 207 -9.15 20.53 -11.90
CA HIS A 207 -8.72 19.60 -10.87
C HIS A 207 -7.79 20.27 -9.86
N VAL A 208 -7.86 19.87 -8.59
CA VAL A 208 -6.97 20.39 -7.54
C VAL A 208 -5.49 20.37 -8.01
N SER A 209 -4.76 21.46 -7.73
CA SER A 209 -3.32 21.55 -8.02
C SER A 209 -2.50 20.97 -6.86
N PRO A 210 -1.34 20.37 -7.19
CA PRO A 210 -0.42 19.93 -6.16
C PRO A 210 0.03 21.14 -5.33
N GLY A 211 0.25 20.92 -4.04
CA GLY A 211 0.83 21.92 -3.16
C GLY A 211 1.34 21.18 -1.94
N ALA A 212 2.18 21.84 -1.15
CA ALA A 212 2.75 21.27 0.07
C ALA A 212 1.67 20.84 1.08
N LEU A 213 1.84 19.63 1.60
CA LEU A 213 0.96 19.00 2.59
C LEU A 213 -0.51 18.86 2.10
N ASP A 214 -0.69 18.79 0.77
CA ASP A 214 -2.03 18.62 0.18
C ASP A 214 -2.72 17.32 0.59
N ALA A 215 -1.99 16.20 0.54
CA ALA A 215 -2.57 14.89 0.90
C ALA A 215 -3.21 14.92 2.28
N GLU A 216 -2.48 15.50 3.24
CA GLU A 216 -2.88 15.66 4.65
C GLU A 216 -4.05 16.62 4.90
N ALA A 217 -4.09 17.70 4.14
CA ALA A 217 -5.03 18.78 4.45
C ALA A 217 -6.28 18.74 3.59
N TYR A 218 -6.14 18.43 2.30
CA TYR A 218 -7.27 18.55 1.38
C TYR A 218 -7.21 17.62 0.15
N GLY A 219 -6.43 16.56 0.23
CA GLY A 219 -6.03 15.85 -0.98
C GLY A 219 -6.67 14.52 -1.31
N VAL A 220 -7.64 14.06 -0.53
CA VAL A 220 -8.30 12.76 -0.82
C VAL A 220 -9.38 12.85 -1.91
N LYS A 221 -9.49 11.81 -2.75
CA LYS A 221 -10.57 11.66 -3.74
C LYS A 221 -11.25 10.34 -3.43
N SER A 222 -12.58 10.29 -3.54
CA SER A 222 -13.35 9.10 -3.15
C SER A 222 -14.73 9.08 -3.81
N THR A 223 -15.37 7.91 -3.80
CA THR A 223 -16.68 7.75 -4.36
C THR A 223 -17.76 7.85 -3.30
N ILE A 224 -19.01 7.97 -3.73
CA ILE A 224 -20.10 8.05 -2.77
C ILE A 224 -20.23 6.78 -1.96
N GLU A 225 -19.88 5.63 -2.54
CA GLU A 225 -19.94 4.35 -1.82
C GLU A 225 -18.90 4.23 -0.72
N ASP A 226 -17.66 4.61 -1.04
CA ASP A 226 -16.60 4.57 -0.03
C ASP A 226 -16.87 5.60 1.07
N MET A 227 -17.48 6.74 0.69
CA MET A 227 -17.76 7.80 1.67
C MET A 227 -18.87 7.38 2.62
N ALA A 228 -19.82 6.57 2.14
CA ALA A 228 -20.85 5.99 3.02
C ALA A 228 -20.22 5.01 4.01
N ARG A 229 -19.29 4.20 3.54
CA ARG A 229 -18.57 3.25 4.37
C ARG A 229 -17.76 3.94 5.47
N TRP A 230 -17.09 5.03 5.10
CA TRP A 230 -16.39 5.91 6.05
C TRP A 230 -17.36 6.40 7.13
N VAL A 231 -18.53 6.88 6.72
CA VAL A 231 -19.54 7.25 7.71
C VAL A 231 -19.96 6.09 8.59
N GLN A 232 -20.22 4.93 8.01
CA GLN A 232 -20.59 3.77 8.80
C GLN A 232 -19.52 3.43 9.85
N SER A 233 -18.26 3.54 9.44
CA SER A 233 -17.10 3.20 10.30
C SER A 233 -16.98 4.19 11.45
N ASN A 234 -17.22 5.47 11.18
CA ASN A 234 -17.24 6.49 12.26
C ASN A 234 -18.49 6.53 13.15
N LEU A 235 -19.62 6.03 12.63
CA LEU A 235 -20.87 5.89 13.37
C LEU A 235 -20.77 4.83 14.46
N LYS A 236 -20.06 3.74 14.12
CA LYS A 236 -20.04 2.53 14.94
C LYS A 236 -18.62 1.95 14.95
N PRO A 237 -17.65 2.64 15.61
CA PRO A 237 -16.23 2.21 15.56
C PRO A 237 -15.93 0.85 16.23
N LEU A 238 -16.91 0.31 16.94
CA LEU A 238 -16.72 -0.92 17.70
C LEU A 238 -16.90 -2.16 16.86
N ASP A 239 -17.54 -2.02 15.71
CA ASP A 239 -17.62 -3.11 14.72
C ASP A 239 -16.28 -3.36 14.05
N ILE A 240 -15.39 -2.38 14.13
CA ILE A 240 -14.05 -2.47 13.57
C ILE A 240 -13.15 -3.47 14.34
N ASN A 241 -12.70 -4.50 13.62
CA ASN A 241 -11.85 -5.55 14.18
C ASN A 241 -10.42 -5.11 14.53
N GLU A 242 -9.83 -4.23 13.71
CA GLU A 242 -8.47 -3.75 13.96
C GLU A 242 -8.51 -2.79 15.15
N LYS A 243 -7.86 -3.20 16.23
CA LYS A 243 -8.02 -2.57 17.53
C LYS A 243 -7.55 -1.10 17.58
N THR A 244 -6.35 -0.82 17.06
CA THR A 244 -5.83 0.55 17.11
C THR A 244 -6.63 1.50 16.20
N LEU A 245 -7.16 0.97 15.09
CA LEU A 245 -8.06 1.77 14.23
C LEU A 245 -9.36 2.15 14.97
N GLN A 246 -9.94 1.16 15.64
CA GLN A 246 -11.13 1.34 16.48
C GLN A 246 -10.91 2.46 17.50
N GLN A 247 -9.81 2.37 18.25
CA GLN A 247 -9.37 3.45 19.15
C GLN A 247 -9.11 4.78 18.45
N GLY A 248 -8.46 4.71 17.29
CA GLY A 248 -8.13 5.92 16.53
C GLY A 248 -9.35 6.75 16.18
N ILE A 249 -10.40 6.08 15.72
CA ILE A 249 -11.66 6.68 15.40
C ILE A 249 -12.30 7.32 16.65
N GLN A 250 -12.32 6.58 17.76
CA GLN A 250 -12.81 7.13 19.03
C GLN A 250 -12.02 8.38 19.41
N LEU A 251 -10.70 8.30 19.34
CA LEU A 251 -9.85 9.47 19.62
C LEU A 251 -10.11 10.68 18.68
N ALA A 252 -10.48 10.43 17.44
CA ALA A 252 -10.70 11.56 16.50
C ALA A 252 -12.00 12.31 16.85
N GLN A 253 -12.87 11.65 17.59
CA GLN A 253 -14.13 12.23 18.04
C GLN A 253 -14.17 12.68 19.51
N SER A 254 -13.02 12.69 20.18
CA SER A 254 -12.95 13.22 21.54
C SER A 254 -13.02 14.74 21.45
N ARG A 255 -13.52 15.38 22.50
CA ARG A 255 -13.65 16.84 22.54
C ARG A 255 -12.46 17.47 23.31
N TYR A 256 -11.55 18.12 22.57
CA TYR A 256 -10.30 18.68 23.10
C TYR A 256 -10.46 20.16 23.44
N TRP A 257 -11.30 20.87 22.69
CA TRP A 257 -11.44 22.30 22.91
C TRP A 257 -12.90 22.67 22.64
N GLN A 258 -13.39 23.66 23.33
CA GLN A 258 -14.67 24.26 23.00
C GLN A 258 -14.51 25.70 22.50
N THR A 259 -15.25 26.02 21.46
CA THR A 259 -15.46 27.41 21.08
C THR A 259 -16.93 27.52 20.76
N GLY A 260 -17.63 28.38 21.52
CA GLY A 260 -19.09 28.49 21.41
C GLY A 260 -19.75 27.17 21.71
N ASP A 261 -20.65 26.73 20.82
CA ASP A 261 -21.35 25.45 21.00
C ASP A 261 -20.65 24.26 20.29
N MET A 262 -19.49 24.54 19.67
CA MET A 262 -18.71 23.57 18.89
C MET A 262 -17.49 23.06 19.67
N TYR A 263 -17.16 21.78 19.45
CA TYR A 263 -15.97 21.14 20.01
C TYR A 263 -15.07 20.64 18.90
N GLN A 264 -13.78 20.92 19.02
CA GLN A 264 -12.77 20.43 18.09
C GLN A 264 -12.28 19.01 18.43
N GLY A 265 -12.44 18.07 17.50
CA GLY A 265 -11.77 16.76 17.57
C GLY A 265 -10.56 16.76 16.65
N LEU A 266 -10.15 15.57 16.22
CA LEU A 266 -9.08 15.43 15.22
C LEU A 266 -9.74 15.35 13.85
N GLY A 267 -9.69 16.44 13.10
CA GLY A 267 -10.36 16.50 11.81
C GLY A 267 -11.85 16.76 11.98
N TRP A 268 -12.57 15.81 12.63
CA TRP A 268 -13.99 15.98 12.97
C TRP A 268 -14.24 17.21 13.84
N GLU A 269 -15.41 17.81 13.68
CA GLU A 269 -15.94 18.82 14.60
C GLU A 269 -17.27 18.27 15.16
N MET A 270 -17.61 18.61 16.40
CA MET A 270 -18.78 18.01 17.05
C MET A 270 -19.59 19.07 17.74
N LEU A 271 -20.91 18.81 17.85
CA LEU A 271 -21.80 19.62 18.68
C LEU A 271 -22.73 18.65 19.36
N ASP A 272 -23.27 19.01 20.53
CA ASP A 272 -24.28 18.16 21.16
C ASP A 272 -25.56 18.01 20.34
N TRP A 273 -26.13 16.80 20.36
CA TRP A 273 -27.45 16.51 19.78
C TRP A 273 -28.55 16.55 20.87
N PRO A 274 -29.73 17.17 20.58
CA PRO A 274 -30.10 17.90 19.37
C PRO A 274 -29.40 19.26 19.25
N VAL A 275 -29.12 19.65 18.01
CA VAL A 275 -28.39 20.87 17.69
C VAL A 275 -29.36 21.99 17.33
N ASN A 276 -28.89 23.24 17.49
CA ASN A 276 -29.56 24.39 16.89
C ASN A 276 -29.14 24.44 15.41
N PRO A 277 -30.10 24.21 14.49
CA PRO A 277 -29.72 24.21 13.07
C PRO A 277 -29.10 25.52 12.60
N ASP A 278 -29.59 26.65 13.11
CA ASP A 278 -29.06 27.95 12.69
C ASP A 278 -27.58 28.04 13.05
N SER A 279 -27.23 27.47 14.20
CA SER A 279 -25.88 27.46 14.71
C SER A 279 -24.87 26.72 13.81
N ILE A 280 -25.23 25.51 13.36
CA ILE A 280 -24.36 24.79 12.43
C ILE A 280 -24.41 25.35 11.02
N ILE A 281 -25.60 25.83 10.59
CA ILE A 281 -25.75 26.39 9.24
C ILE A 281 -24.96 27.72 9.10
N ASN A 282 -25.24 28.68 9.96
CA ASN A 282 -24.50 29.96 9.99
C ASN A 282 -23.00 29.85 10.31
N GLY A 283 -22.66 28.99 11.26
CA GLY A 283 -21.27 28.78 11.66
C GLY A 283 -20.42 28.16 10.55
N SER A 284 -21.08 27.63 9.52
CA SER A 284 -20.37 27.00 8.40
C SER A 284 -19.86 27.99 7.34
N ASP A 285 -20.38 29.22 7.40
CA ASP A 285 -19.92 30.29 6.53
C ASP A 285 -18.46 30.57 6.85
N ASN A 286 -17.64 30.62 5.82
CA ASN A 286 -16.20 30.85 5.95
C ASN A 286 -15.86 32.16 6.65
N LYS A 287 -16.75 33.15 6.58
CA LYS A 287 -16.54 34.37 7.37
C LYS A 287 -16.46 34.07 8.88
N ILE A 288 -17.18 33.04 9.34
CA ILE A 288 -17.10 32.61 10.75
C ILE A 288 -16.12 31.45 10.93
N ALA A 289 -16.28 30.38 10.16
CA ALA A 289 -15.45 29.19 10.28
C ALA A 289 -13.95 29.44 10.11
N LEU A 290 -13.59 30.48 9.35
CA LEU A 290 -12.16 30.74 9.10
C LEU A 290 -11.57 31.87 9.96
N ALA A 291 -12.36 32.44 10.87
CA ALA A 291 -11.88 33.51 11.78
C ALA A 291 -11.31 32.94 13.09
N ALA A 292 -10.33 33.63 13.70
CA ALA A 292 -9.78 33.20 14.98
C ALA A 292 -10.85 33.33 16.09
N ARG A 293 -10.91 32.34 16.98
CA ARG A 293 -11.87 32.30 18.11
C ARG A 293 -11.18 31.74 19.35
N PRO A 294 -11.50 32.28 20.56
CA PRO A 294 -10.87 31.78 21.80
C PRO A 294 -11.35 30.37 22.13
N VAL A 295 -10.43 29.52 22.61
CA VAL A 295 -10.77 28.16 23.00
C VAL A 295 -10.64 27.95 24.50
N LYS A 296 -11.56 27.18 25.06
CA LYS A 296 -11.39 26.67 26.40
C LYS A 296 -10.98 25.23 26.28
N ALA A 297 -9.97 24.86 27.05
CA ALA A 297 -9.45 23.50 27.09
C ALA A 297 -10.45 22.59 27.79
N ILE A 298 -10.63 21.39 27.26
CA ILE A 298 -11.40 20.35 27.96
C ILE A 298 -10.39 19.42 28.65
N THR A 299 -10.31 19.51 29.98
CA THR A 299 -9.19 18.92 30.76
C THR A 299 -9.68 17.88 31.77
N PRO A 300 -9.56 16.58 31.44
CA PRO A 300 -9.06 15.97 30.22
C PRO A 300 -10.16 15.86 29.14
N PRO A 301 -9.81 15.52 27.86
CA PRO A 301 -10.79 15.47 26.78
C PRO A 301 -11.95 14.52 27.03
N THR A 302 -13.15 14.95 26.67
CA THR A 302 -14.35 14.13 26.75
C THR A 302 -14.30 13.08 25.64
N PRO A 303 -14.35 11.78 25.99
CA PRO A 303 -14.38 10.68 25.01
C PRO A 303 -15.61 10.80 24.11
N ALA A 304 -15.53 10.33 22.88
CA ALA A 304 -16.62 10.38 21.89
C ALA A 304 -18.03 10.34 22.50
N VAL A 305 -18.82 11.37 22.26
CA VAL A 305 -20.19 11.45 22.78
C VAL A 305 -21.18 10.94 21.73
N ARG A 306 -21.94 9.91 22.06
CA ARG A 306 -22.90 9.31 21.12
C ARG A 306 -23.96 10.31 20.67
N ALA A 307 -24.46 11.13 21.60
CA ALA A 307 -25.40 12.20 21.26
C ALA A 307 -24.67 13.45 20.75
N SER A 308 -24.09 13.32 19.56
CA SER A 308 -23.42 14.41 18.86
C SER A 308 -23.89 14.50 17.41
N TRP A 309 -23.83 15.71 16.89
CA TRP A 309 -23.80 15.96 15.46
C TRP A 309 -22.32 16.06 15.14
N VAL A 310 -21.80 15.12 14.36
CA VAL A 310 -20.39 15.10 14.01
C VAL A 310 -20.32 15.46 12.54
N HIS A 311 -19.47 16.41 12.19
CA HIS A 311 -19.46 16.86 10.79
C HIS A 311 -18.15 17.44 10.27
N LYS A 312 -18.06 17.59 8.94
CA LYS A 312 -16.99 18.35 8.31
C LYS A 312 -17.38 18.81 6.90
N THR A 313 -17.15 20.09 6.62
CA THR A 313 -17.29 20.65 5.27
C THR A 313 -15.96 20.52 4.53
N GLY A 314 -15.99 20.55 3.20
CA GLY A 314 -14.74 20.51 2.43
C GLY A 314 -14.88 21.14 1.07
N ALA A 315 -13.81 21.73 0.55
CA ALA A 315 -13.88 22.34 -0.76
C ALA A 315 -12.55 22.29 -1.47
N THR A 316 -12.62 22.39 -2.80
CA THR A 316 -11.48 22.72 -3.62
C THR A 316 -11.97 23.81 -4.60
N GLY A 317 -11.13 24.18 -5.56
CA GLY A 317 -11.53 25.15 -6.59
C GLY A 317 -12.85 24.77 -7.22
N GLY A 318 -13.02 23.49 -7.55
CA GLY A 318 -14.14 23.04 -8.37
C GLY A 318 -15.07 22.04 -7.73
N PHE A 319 -14.88 21.75 -6.44
CA PHE A 319 -15.71 20.77 -5.70
C PHE A 319 -16.19 21.31 -4.35
N GLY A 320 -17.33 20.78 -3.89
CA GLY A 320 -17.93 21.10 -2.60
C GLY A 320 -18.49 19.87 -1.92
N SER A 321 -17.94 19.49 -0.77
CA SER A 321 -18.42 18.31 -0.04
C SER A 321 -18.86 18.59 1.38
N TYR A 322 -19.60 17.64 1.94
CA TYR A 322 -20.10 17.71 3.32
C TYR A 322 -20.42 16.32 3.82
N VAL A 323 -20.02 16.06 5.07
CA VAL A 323 -20.32 14.84 5.76
C VAL A 323 -20.88 15.18 7.18
N ALA A 324 -21.96 14.52 7.60
CA ALA A 324 -22.57 14.68 8.94
C ALA A 324 -23.21 13.37 9.44
N PHE A 325 -23.06 13.08 10.74
CA PHE A 325 -23.63 11.87 11.31
C PHE A 325 -23.96 12.05 12.80
N ILE A 326 -24.90 11.24 13.29
CA ILE A 326 -25.33 11.29 14.68
C ILE A 326 -25.19 9.86 15.20
N PRO A 327 -24.12 9.58 15.96
CA PRO A 327 -23.92 8.16 16.33
C PRO A 327 -25.11 7.55 17.06
N GLU A 328 -25.76 8.34 17.89
CA GLU A 328 -26.88 7.86 18.69
C GLU A 328 -28.04 7.38 17.82
N LYS A 329 -28.22 8.00 16.66
CA LYS A 329 -29.34 7.70 15.78
C LYS A 329 -28.98 6.74 14.64
N GLU A 330 -27.69 6.37 14.54
CA GLU A 330 -27.18 5.52 13.46
C GLU A 330 -27.53 6.14 12.10
N LEU A 331 -27.33 7.45 12.01
CA LEU A 331 -27.88 8.25 10.93
C LEU A 331 -26.78 9.14 10.35
N GLY A 332 -26.68 9.23 9.03
CA GLY A 332 -25.63 10.06 8.43
C GLY A 332 -25.91 10.48 7.00
N ILE A 333 -25.16 11.48 6.54
CA ILE A 333 -25.26 11.89 5.16
C ILE A 333 -23.86 12.21 4.63
N VAL A 334 -23.69 11.91 3.35
CA VAL A 334 -22.55 12.36 2.57
C VAL A 334 -23.13 13.12 1.36
N MET A 335 -22.69 14.37 1.14
CA MET A 335 -23.04 15.13 -0.08
C MET A 335 -21.79 15.53 -0.88
N LEU A 336 -21.66 15.03 -2.11
CA LEU A 336 -20.49 15.27 -2.97
C LEU A 336 -20.88 16.00 -4.24
N ALA A 337 -20.26 17.15 -4.51
CA ALA A 337 -20.61 17.89 -5.74
C ALA A 337 -19.38 18.41 -6.50
N ASN A 338 -19.49 18.53 -7.83
CA ASN A 338 -18.38 19.09 -8.64
C ASN A 338 -18.59 20.56 -8.96
N LYS A 339 -19.10 21.29 -7.97
CA LYS A 339 -18.98 22.74 -7.90
C LYS A 339 -18.80 23.14 -6.45
N ASN A 340 -17.96 24.15 -6.21
CA ASN A 340 -17.79 24.67 -4.88
C ASN A 340 -18.88 25.70 -4.62
N TYR A 341 -19.94 25.28 -3.94
CA TYR A 341 -21.03 26.19 -3.64
C TYR A 341 -21.04 26.51 -2.14
N PRO A 342 -21.75 27.58 -1.73
CA PRO A 342 -21.62 28.01 -0.31
C PRO A 342 -21.92 26.92 0.71
N ASN A 343 -21.07 26.85 1.74
CA ASN A 343 -21.23 25.93 2.89
C ASN A 343 -22.61 25.91 3.58
N PRO A 344 -23.21 27.08 3.89
CA PRO A 344 -24.54 27.05 4.52
C PRO A 344 -25.62 26.34 3.72
N ALA A 345 -25.51 26.36 2.40
CA ALA A 345 -26.46 25.61 1.55
C ALA A 345 -26.34 24.11 1.72
N ARG A 346 -25.10 23.62 1.95
CA ARG A 346 -24.84 22.19 2.19
C ARG A 346 -25.43 21.73 3.51
N VAL A 347 -25.04 22.43 4.58
CA VAL A 347 -25.52 22.15 5.93
C VAL A 347 -27.04 22.28 6.03
N ASP A 348 -27.60 23.35 5.44
CA ASP A 348 -29.05 23.49 5.39
C ASP A 348 -29.73 22.24 4.84
N ALA A 349 -29.33 21.83 3.63
CA ALA A 349 -29.89 20.65 2.98
C ALA A 349 -29.72 19.33 3.75
N ALA A 350 -28.51 19.08 4.25
CA ALA A 350 -28.21 17.91 5.11
C ALA A 350 -29.11 17.84 6.35
N TRP A 351 -29.29 18.99 7.02
CA TRP A 351 -30.17 19.09 8.21
C TRP A 351 -31.63 18.75 7.91
N GLN A 352 -32.13 19.24 6.78
CA GLN A 352 -33.49 18.95 6.33
C GLN A 352 -33.70 17.46 6.14
N ILE A 353 -32.72 16.82 5.51
CA ILE A 353 -32.79 15.38 5.25
C ILE A 353 -32.73 14.60 6.58
N LEU A 354 -31.70 14.86 7.38
CA LEU A 354 -31.47 14.10 8.61
C LEU A 354 -32.56 14.33 9.66
N ASN A 355 -33.03 15.56 9.77
CA ASN A 355 -34.12 15.91 10.69
C ASN A 355 -35.43 15.17 10.36
N ALA A 356 -35.73 14.99 9.08
CA ALA A 356 -36.95 14.30 8.68
C ALA A 356 -36.90 12.80 9.03
N LEU A 357 -35.70 12.22 8.98
CA LEU A 357 -35.47 10.78 9.20
C LEU A 357 -35.14 10.40 10.63
N GLN A 358 -34.95 11.41 11.47
CA GLN A 358 -34.47 11.19 12.83
C GLN A 358 -35.59 10.66 13.71
N ALA B 1 34.33 -0.50 -1.94
CA ALA B 1 34.35 -1.94 -1.57
C ALA B 1 35.77 -2.37 -1.31
N PRO B 2 35.99 -3.25 -0.30
CA PRO B 2 37.30 -3.89 -0.10
C PRO B 2 37.88 -4.41 -1.42
N GLN B 3 39.21 -4.30 -1.59
CA GLN B 3 39.92 -4.72 -2.82
C GLN B 3 39.62 -6.15 -3.26
N GLN B 4 39.50 -7.05 -2.29
CA GLN B 4 39.21 -8.45 -2.54
C GLN B 4 37.91 -8.63 -3.36
N ILE B 5 36.89 -7.84 -3.01
CA ILE B 5 35.58 -7.86 -3.66
C ILE B 5 35.65 -7.31 -5.08
N ASN B 6 36.22 -6.11 -5.20
CA ASN B 6 36.49 -5.48 -6.49
C ASN B 6 37.24 -6.40 -7.46
N ASP B 7 38.27 -7.10 -6.95
CA ASP B 7 39.11 -7.96 -7.80
C ASP B 7 38.30 -9.09 -8.44
N ILE B 8 37.64 -9.90 -7.62
CA ILE B 8 36.97 -11.09 -8.14
C ILE B 8 35.75 -10.72 -8.99
N VAL B 9 34.98 -9.72 -8.56
CA VAL B 9 33.82 -9.23 -9.34
C VAL B 9 34.20 -8.75 -10.75
N HIS B 10 35.16 -7.83 -10.83
CA HIS B 10 35.64 -7.32 -12.12
C HIS B 10 36.22 -8.41 -13.00
N ARG B 11 36.99 -9.30 -12.40
CA ARG B 11 37.57 -10.40 -13.15
C ARG B 11 36.51 -11.43 -13.58
N THR B 12 35.44 -11.57 -12.81
CA THR B 12 34.39 -12.55 -13.13
C THR B 12 33.28 -11.98 -14.05
N ILE B 13 32.82 -10.77 -13.78
CA ILE B 13 31.65 -10.23 -14.49
C ILE B 13 31.95 -9.57 -15.83
N THR B 14 33.09 -8.88 -15.94
CA THR B 14 33.46 -8.27 -17.20
C THR B 14 33.50 -9.26 -18.38
N PRO B 15 34.27 -10.38 -18.24
CA PRO B 15 34.21 -11.31 -19.36
C PRO B 15 32.82 -11.94 -19.57
N LEU B 16 32.06 -12.19 -18.51
CA LEU B 16 30.70 -12.76 -18.62
C LEU B 16 29.77 -11.93 -19.52
N ILE B 17 29.83 -10.60 -19.36
CA ILE B 17 29.05 -9.65 -20.14
C ILE B 17 29.40 -9.67 -21.63
N GLU B 18 30.70 -9.72 -21.95
CA GLU B 18 31.20 -9.93 -23.32
C GLU B 18 30.81 -11.27 -23.95
N GLN B 19 31.12 -12.35 -23.23
CA GLN B 19 30.84 -13.72 -23.69
C GLN B 19 29.36 -13.95 -23.94
N GLN B 20 28.50 -13.40 -23.08
CA GLN B 20 27.04 -13.62 -23.23
C GLN B 20 26.32 -12.52 -24.00
N LYS B 21 27.09 -11.53 -24.45
CA LYS B 21 26.55 -10.28 -25.04
C LYS B 21 25.42 -9.65 -24.23
N ILE B 22 25.65 -9.43 -22.94
CA ILE B 22 24.61 -8.86 -22.07
C ILE B 22 24.67 -7.34 -22.21
N PRO B 23 23.54 -6.70 -22.55
CA PRO B 23 23.57 -5.25 -22.77
C PRO B 23 23.77 -4.45 -21.48
N GLY B 24 23.06 -4.83 -20.42
CA GLY B 24 23.16 -4.14 -19.11
C GLY B 24 23.12 -5.08 -17.91
N MET B 25 23.85 -4.71 -16.86
CA MET B 25 23.99 -5.60 -15.70
C MET B 25 24.25 -4.84 -14.39
N ALA B 26 23.59 -5.30 -13.33
CA ALA B 26 23.83 -4.80 -11.99
C ALA B 26 24.13 -5.99 -11.08
N VAL B 27 25.17 -5.84 -10.26
CA VAL B 27 25.61 -6.83 -9.26
C VAL B 27 25.71 -6.20 -7.86
N ALA B 28 25.21 -6.91 -6.87
CA ALA B 28 25.40 -6.53 -5.45
C ALA B 28 26.09 -7.71 -4.79
N VAL B 29 27.22 -7.46 -4.11
CA VAL B 29 27.76 -8.41 -3.16
C VAL B 29 27.49 -7.94 -1.73
N ILE B 30 26.98 -8.84 -0.87
CA ILE B 30 26.84 -8.59 0.56
C ILE B 30 27.99 -9.31 1.28
N TYR B 31 28.82 -8.56 1.97
CA TYR B 31 30.05 -9.07 2.58
C TYR B 31 30.09 -8.61 4.03
N GLN B 32 30.21 -9.57 4.95
CA GLN B 32 30.01 -9.33 6.39
C GLN B 32 28.76 -8.45 6.65
N GLY B 33 27.68 -8.77 5.96
CA GLY B 33 26.40 -8.08 6.12
C GLY B 33 26.19 -6.73 5.43
N LYS B 34 27.21 -6.24 4.72
CA LYS B 34 27.17 -4.91 4.06
C LYS B 34 27.14 -5.03 2.54
N PRO B 35 26.37 -4.15 1.86
CA PRO B 35 26.24 -4.26 0.40
C PRO B 35 27.29 -3.45 -0.37
N TYR B 36 27.76 -4.01 -1.49
CA TYR B 36 28.67 -3.32 -2.42
C TYR B 36 28.10 -3.48 -3.83
N TYR B 37 28.01 -2.36 -4.56
CA TYR B 37 27.30 -2.31 -5.84
C TYR B 37 28.22 -2.15 -7.07
N PHE B 38 27.80 -2.76 -8.19
CA PHE B 38 28.49 -2.69 -9.48
C PHE B 38 27.45 -2.63 -10.59
N THR B 39 27.67 -1.77 -11.58
CA THR B 39 26.76 -1.54 -12.70
C THR B 39 27.57 -1.47 -14.03
N TRP B 40 27.03 -2.07 -15.10
CA TRP B 40 27.65 -2.06 -16.44
C TRP B 40 26.62 -1.79 -17.53
N GLY B 41 27.06 -1.22 -18.64
CA GLY B 41 26.23 -1.07 -19.82
C GLY B 41 24.90 -0.38 -19.68
N TYR B 42 23.91 -0.87 -20.40
CA TYR B 42 22.69 -0.11 -20.75
C TYR B 42 21.40 -0.72 -20.26
N ALA B 43 20.56 0.12 -19.67
CA ALA B 43 19.17 -0.19 -19.37
C ALA B 43 18.30 -0.04 -20.62
N ASP B 44 18.67 0.91 -21.49
CA ASP B 44 17.95 1.14 -22.75
C ASP B 44 18.99 1.55 -23.79
N ILE B 45 19.28 0.65 -24.73
CA ILE B 45 20.28 0.85 -25.77
C ILE B 45 19.94 2.02 -26.70
N ALA B 46 18.69 2.06 -27.18
CA ALA B 46 18.22 3.11 -28.09
C ALA B 46 18.26 4.51 -27.48
N LYS B 47 17.86 4.66 -26.22
CA LYS B 47 17.87 5.97 -25.55
C LYS B 47 19.19 6.24 -24.81
N LYS B 48 20.12 5.30 -24.88
CA LYS B 48 21.47 5.46 -24.34
C LYS B 48 21.45 5.67 -22.83
N GLN B 49 20.53 4.99 -22.16
CA GLN B 49 20.38 5.08 -20.70
C GLN B 49 21.22 4.00 -20.02
N PRO B 50 22.16 4.42 -19.16
CA PRO B 50 23.04 3.47 -18.46
C PRO B 50 22.29 2.67 -17.39
N VAL B 51 22.83 1.52 -17.00
CA VAL B 51 22.40 0.89 -15.76
C VAL B 51 22.93 1.73 -14.59
N THR B 52 22.06 2.00 -13.63
CA THR B 52 22.42 2.72 -12.41
C THR B 52 21.88 1.87 -11.27
N GLN B 53 22.18 2.27 -10.03
CA GLN B 53 21.65 1.60 -8.84
C GLN B 53 20.12 1.74 -8.63
N GLN B 54 19.50 2.59 -9.45
CA GLN B 54 18.07 2.77 -9.43
C GLN B 54 17.34 2.14 -10.63
N THR B 55 18.08 1.42 -11.48
CA THR B 55 17.45 0.70 -12.60
C THR B 55 16.61 -0.48 -12.11
N LEU B 56 15.39 -0.54 -12.65
CA LEU B 56 14.49 -1.69 -12.43
C LEU B 56 14.72 -2.84 -13.42
N PHE B 57 14.87 -4.05 -12.86
CA PHE B 57 15.05 -5.27 -13.64
C PHE B 57 13.84 -6.17 -13.40
N GLU B 58 13.43 -6.92 -14.41
CA GLU B 58 12.45 -7.98 -14.18
C GLU B 58 13.12 -9.13 -13.45
N LEU B 59 12.60 -9.49 -12.28
CA LEU B 59 13.17 -10.61 -11.51
C LEU B 59 12.80 -12.03 -11.99
N GLY B 60 11.76 -12.13 -12.80
CA GLY B 60 11.28 -13.45 -13.22
C GLY B 60 10.94 -14.26 -11.99
N SER B 61 11.36 -15.53 -11.98
CA SER B 61 11.05 -16.45 -10.87
C SER B 61 11.70 -16.16 -9.52
N VAL B 62 12.63 -15.22 -9.46
CA VAL B 62 13.19 -14.84 -8.15
C VAL B 62 12.04 -14.22 -7.31
N SER B 63 11.03 -13.69 -8.00
CA SER B 63 9.74 -13.32 -7.42
C SER B 63 9.16 -14.38 -6.47
N LYS B 64 9.37 -15.68 -6.77
CA LYS B 64 8.85 -16.76 -5.92
C LYS B 64 9.35 -16.70 -4.46
N THR B 65 10.50 -16.08 -4.26
CA THR B 65 11.07 -15.95 -2.92
C THR B 65 10.29 -14.95 -2.08
N PHE B 66 9.80 -13.88 -2.70
CA PHE B 66 8.84 -12.96 -2.06
C PHE B 66 7.54 -13.67 -1.71
N THR B 67 6.98 -14.38 -2.69
CA THR B 67 5.75 -15.18 -2.54
C THR B 67 5.92 -16.19 -1.39
N GLY B 68 7.05 -16.90 -1.34
CA GLY B 68 7.34 -17.83 -0.22
C GLY B 68 7.33 -17.18 1.14
N VAL B 69 8.09 -16.08 1.29
CA VAL B 69 8.10 -15.26 2.51
C VAL B 69 6.72 -14.68 2.90
N LEU B 70 5.96 -14.20 1.93
CA LEU B 70 4.62 -13.73 2.19
C LEU B 70 3.74 -14.88 2.75
N GLY B 71 3.80 -16.04 2.12
CA GLY B 71 3.07 -17.23 2.58
C GLY B 71 3.53 -17.61 3.99
N GLY B 72 4.84 -17.54 4.22
CA GLY B 72 5.43 -17.79 5.56
C GLY B 72 4.91 -16.83 6.64
N ASP B 73 4.82 -15.54 6.29
CA ASP B 73 4.22 -14.52 7.13
C ASP B 73 2.76 -14.87 7.48
N ALA B 74 1.98 -15.34 6.49
CA ALA B 74 0.58 -15.73 6.71
C ALA B 74 0.45 -16.93 7.65
N ILE B 75 1.36 -17.90 7.55
CA ILE B 75 1.41 -19.01 8.51
C ILE B 75 1.67 -18.49 9.93
N ALA B 76 2.69 -17.64 10.07
CA ALA B 76 3.06 -17.02 11.34
C ALA B 76 1.96 -16.15 11.96
N ARG B 77 1.09 -15.57 11.11
CA ARG B 77 -0.06 -14.82 11.58
C ARG B 77 -1.22 -15.73 11.99
N GLY B 78 -1.07 -17.03 11.76
CA GLY B 78 -2.13 -18.01 12.00
C GLY B 78 -3.29 -17.96 11.02
N GLU B 79 -3.09 -17.29 9.88
CA GLU B 79 -4.16 -17.16 8.88
C GLU B 79 -4.28 -18.42 8.00
N ILE B 80 -3.16 -19.08 7.72
CA ILE B 80 -3.15 -20.32 6.92
C ILE B 80 -2.27 -21.39 7.58
N LYS B 81 -2.50 -22.64 7.21
CA LYS B 81 -1.59 -23.75 7.55
C LYS B 81 -1.29 -24.49 6.27
N LEU B 82 -0.04 -24.91 6.11
CA LEU B 82 0.39 -25.63 4.89
C LEU B 82 -0.39 -26.95 4.69
N SER B 83 -0.91 -27.51 5.78
CA SER B 83 -1.76 -28.70 5.72
C SER B 83 -3.21 -28.42 5.27
N ASP B 84 -3.56 -27.15 5.07
CA ASP B 84 -4.91 -26.78 4.61
C ASP B 84 -5.20 -27.30 3.21
N PRO B 85 -6.38 -27.89 2.98
CA PRO B 85 -6.78 -28.19 1.62
C PRO B 85 -6.83 -26.93 0.74
N THR B 86 -6.35 -27.04 -0.49
CA THR B 86 -6.54 -26.01 -1.53
C THR B 86 -7.99 -25.53 -1.58
N THR B 87 -8.93 -26.46 -1.45
CA THR B 87 -10.37 -26.14 -1.58
C THR B 87 -10.91 -25.32 -0.42
N LYS B 88 -10.22 -25.35 0.73
CA LYS B 88 -10.59 -24.43 1.83
C LYS B 88 -10.67 -22.97 1.35
N TYR B 89 -9.79 -22.62 0.41
CA TYR B 89 -9.64 -21.21 -0.01
C TYR B 89 -10.25 -20.92 -1.36
N TRP B 90 -10.75 -21.95 -2.03
CA TRP B 90 -11.35 -21.81 -3.33
C TRP B 90 -12.55 -22.77 -3.46
N PRO B 91 -13.70 -22.38 -2.88
CA PRO B 91 -14.92 -23.20 -2.84
C PRO B 91 -15.42 -23.71 -4.21
N GLU B 92 -15.22 -22.93 -5.27
CA GLU B 92 -15.67 -23.37 -6.59
C GLU B 92 -14.80 -24.50 -7.21
N LEU B 93 -13.67 -24.79 -6.58
CA LEU B 93 -12.79 -25.83 -7.07
C LEU B 93 -13.30 -27.17 -6.54
N THR B 94 -14.23 -27.76 -7.28
CA THR B 94 -15.01 -28.91 -6.80
C THR B 94 -14.54 -30.25 -7.37
N ALA B 95 -13.59 -30.20 -8.30
CA ALA B 95 -13.14 -31.42 -9.00
C ALA B 95 -12.43 -32.33 -8.01
N LYS B 96 -12.65 -33.63 -8.14
CA LYS B 96 -12.30 -34.51 -7.05
C LYS B 96 -10.82 -34.85 -7.00
N GLN B 97 -10.08 -34.60 -8.09
CA GLN B 97 -8.63 -34.81 -8.09
C GLN B 97 -7.91 -33.89 -7.09
N TRP B 98 -8.60 -32.85 -6.65
CA TRP B 98 -8.05 -31.87 -5.70
C TRP B 98 -8.15 -32.30 -4.24
N ASN B 99 -8.98 -33.32 -3.98
CA ASN B 99 -9.00 -33.94 -2.65
C ASN B 99 -7.62 -34.48 -2.28
N GLY B 100 -7.05 -33.95 -1.21
CA GLY B 100 -5.73 -34.39 -0.75
C GLY B 100 -4.58 -33.46 -1.15
N ILE B 101 -4.86 -32.49 -2.00
CA ILE B 101 -3.85 -31.52 -2.39
C ILE B 101 -3.90 -30.33 -1.44
N THR B 102 -2.79 -30.07 -0.74
CA THR B 102 -2.72 -29.03 0.28
C THR B 102 -1.96 -27.78 -0.19
N LEU B 103 -2.01 -26.71 0.62
CA LEU B 103 -1.19 -25.53 0.38
C LEU B 103 0.31 -25.84 0.28
N LEU B 104 0.79 -26.74 1.13
CA LEU B 104 2.17 -27.26 1.02
C LEU B 104 2.56 -27.83 -0.35
N HIS B 105 1.70 -28.71 -0.88
CA HIS B 105 1.91 -29.28 -2.23
C HIS B 105 2.05 -28.19 -3.28
N LEU B 106 1.13 -27.22 -3.22
CA LEU B 106 1.15 -26.04 -4.10
C LEU B 106 2.45 -25.20 -3.94
N ALA B 107 2.84 -24.90 -2.71
CA ALA B 107 4.02 -24.06 -2.43
C ALA B 107 5.33 -24.68 -2.95
N THR B 108 5.38 -26.01 -3.00
CA THR B 108 6.62 -26.75 -3.18
C THR B 108 6.64 -27.60 -4.45
N TYR B 109 5.66 -27.39 -5.33
CA TYR B 109 5.56 -28.06 -6.64
C TYR B 109 5.36 -29.58 -6.52
N THR B 110 4.64 -30.00 -5.47
CA THR B 110 4.47 -31.43 -5.16
C THR B 110 3.01 -31.89 -5.25
N ALA B 111 2.18 -31.10 -5.93
CA ALA B 111 0.76 -31.41 -6.13
C ALA B 111 0.50 -32.65 -6.98
N GLY B 112 1.49 -33.03 -7.82
CA GLY B 112 1.36 -34.19 -8.72
C GLY B 112 1.34 -33.84 -10.21
N GLY B 113 2.17 -32.89 -10.61
CA GLY B 113 2.32 -32.53 -12.03
C GLY B 113 1.54 -31.34 -12.55
N LEU B 114 1.20 -30.37 -11.68
CA LEU B 114 0.69 -29.08 -12.18
C LEU B 114 1.73 -28.54 -13.18
N PRO B 115 1.29 -28.00 -14.33
CA PRO B 115 2.24 -27.71 -15.43
C PRO B 115 3.09 -26.47 -15.24
N LEU B 116 4.23 -26.43 -15.92
CA LEU B 116 5.16 -25.29 -15.85
C LEU B 116 4.43 -23.96 -16.00
N GLN B 117 3.58 -23.82 -17.03
CA GLN B 117 2.86 -22.56 -17.27
C GLN B 117 1.33 -22.69 -17.20
N VAL B 118 0.69 -21.58 -16.83
CA VAL B 118 -0.70 -21.35 -17.19
C VAL B 118 -0.69 -20.88 -18.66
N PRO B 119 -1.44 -21.56 -19.56
CA PRO B 119 -1.48 -21.17 -20.97
C PRO B 119 -1.91 -19.71 -21.20
N ASP B 120 -1.34 -19.08 -22.24
CA ASP B 120 -1.66 -17.69 -22.57
C ASP B 120 -3.17 -17.47 -22.82
N GLU B 121 -3.87 -18.49 -23.29
CA GLU B 121 -5.33 -18.46 -23.50
C GLU B 121 -6.16 -18.35 -22.22
N VAL B 122 -5.58 -18.73 -21.09
CA VAL B 122 -6.26 -18.72 -19.81
C VAL B 122 -6.14 -17.32 -19.22
N LYS B 123 -7.14 -16.47 -19.47
CA LYS B 123 -7.09 -15.05 -19.08
C LYS B 123 -8.17 -14.65 -18.06
N SER B 124 -9.42 -15.07 -18.26
CA SER B 124 -10.51 -14.72 -17.32
C SER B 124 -10.57 -15.58 -16.06
N SER B 125 -11.34 -15.11 -15.07
CA SER B 125 -11.80 -15.90 -13.91
C SER B 125 -12.25 -17.32 -14.27
N SER B 126 -13.18 -17.39 -15.20
CA SER B 126 -13.75 -18.66 -15.63
C SER B 126 -12.71 -19.53 -16.35
N ASP B 127 -11.90 -18.91 -17.21
CA ASP B 127 -10.79 -19.60 -17.89
C ASP B 127 -9.92 -20.34 -16.86
N LEU B 128 -9.61 -19.65 -15.76
CA LEU B 128 -8.66 -20.13 -14.75
C LEU B 128 -9.26 -21.24 -13.92
N LEU B 129 -10.57 -21.14 -13.68
CA LEU B 129 -11.29 -22.20 -12.96
C LEU B 129 -11.34 -23.49 -13.77
N ARG B 130 -11.74 -23.37 -15.04
CA ARG B 130 -11.71 -24.47 -16.01
C ARG B 130 -10.34 -25.12 -16.09
N PHE B 131 -9.29 -24.28 -16.12
CA PHE B 131 -7.90 -24.75 -16.15
C PHE B 131 -7.60 -25.73 -15.01
N TYR B 132 -7.83 -25.29 -13.77
CA TYR B 132 -7.55 -26.16 -12.60
C TYR B 132 -8.52 -27.36 -12.49
N GLN B 133 -9.81 -27.13 -12.73
CA GLN B 133 -10.82 -28.20 -12.78
C GLN B 133 -10.52 -29.28 -13.81
N ASN B 134 -9.95 -28.89 -14.93
CA ASN B 134 -9.76 -29.85 -16.01
C ASN B 134 -8.40 -30.55 -15.91
N TRP B 135 -7.47 -29.96 -15.16
CA TRP B 135 -6.15 -30.57 -14.93
C TRP B 135 -6.34 -31.90 -14.23
N GLN B 136 -5.60 -32.92 -14.67
CA GLN B 136 -5.56 -34.22 -14.01
C GLN B 136 -4.10 -34.57 -13.66
N PRO B 137 -3.84 -35.04 -12.43
CA PRO B 137 -2.47 -35.32 -11.98
C PRO B 137 -1.73 -36.47 -12.69
N ALA B 138 -0.42 -36.27 -12.83
CA ALA B 138 0.50 -37.28 -13.36
C ALA B 138 0.84 -38.24 -12.23
N TRP B 139 0.84 -37.70 -11.00
CA TRP B 139 1.22 -38.49 -9.81
C TRP B 139 0.32 -38.13 -8.62
N ALA B 140 0.38 -38.94 -7.57
CA ALA B 140 -0.27 -38.64 -6.29
C ALA B 140 0.44 -37.47 -5.61
N PRO B 141 -0.24 -36.77 -4.68
CA PRO B 141 0.37 -35.59 -4.05
C PRO B 141 1.55 -35.96 -3.13
N GLY B 142 2.57 -35.10 -3.13
CA GLY B 142 3.72 -35.25 -2.23
C GLY B 142 4.65 -36.41 -2.57
N THR B 143 4.75 -36.71 -3.87
CA THR B 143 5.60 -37.79 -4.36
C THR B 143 6.65 -37.31 -5.37
N GLN B 144 6.27 -36.38 -6.26
CA GLN B 144 7.20 -35.81 -7.23
C GLN B 144 7.20 -34.29 -7.15
N ARG B 145 8.39 -33.72 -7.36
CA ARG B 145 8.58 -32.27 -7.52
C ARG B 145 8.74 -31.98 -9.00
N LEU B 146 7.89 -31.08 -9.49
CA LEU B 146 7.94 -30.62 -10.85
C LEU B 146 7.75 -29.11 -10.80
N TYR B 147 8.83 -28.36 -11.00
CA TYR B 147 8.85 -26.89 -10.94
C TYR B 147 7.75 -26.30 -11.82
N ALA B 148 6.97 -25.38 -11.28
CA ALA B 148 5.71 -24.99 -11.94
C ALA B 148 5.18 -23.64 -11.44
N ASN B 149 5.01 -22.71 -12.39
CA ASN B 149 4.37 -21.42 -12.09
C ASN B 149 2.90 -21.57 -11.70
N SER B 150 2.23 -22.62 -12.21
CA SER B 150 0.80 -22.83 -11.98
C SER B 150 0.57 -23.31 -10.55
N SER B 151 1.63 -23.84 -9.96
CA SER B 151 1.62 -24.42 -8.63
C SER B 151 1.80 -23.34 -7.56
N ILE B 152 3.00 -22.74 -7.50
CA ILE B 152 3.27 -21.68 -6.52
C ILE B 152 2.41 -20.42 -6.81
N GLY B 153 2.15 -20.15 -8.08
CA GLY B 153 1.21 -19.08 -8.42
C GLY B 153 -0.12 -19.20 -7.73
N LEU B 154 -0.71 -20.40 -7.73
CA LEU B 154 -1.95 -20.62 -7.00
C LEU B 154 -1.79 -20.54 -5.49
N PHE B 155 -0.71 -21.12 -4.94
CA PHE B 155 -0.42 -20.99 -3.50
C PHE B 155 -0.45 -19.53 -3.08
N GLY B 156 0.19 -18.65 -3.86
CA GLY B 156 0.24 -17.23 -3.52
C GLY B 156 -1.14 -16.57 -3.59
N ALA B 157 -1.97 -16.98 -4.54
CA ALA B 157 -3.27 -16.30 -4.72
C ALA B 157 -4.22 -16.70 -3.59
N LEU B 158 -4.09 -17.94 -3.12
CA LEU B 158 -4.89 -18.44 -2.00
C LEU B 158 -4.37 -18.01 -0.61
N ALA B 159 -3.05 -17.93 -0.47
CA ALA B 159 -2.41 -17.64 0.83
C ALA B 159 -2.83 -16.29 1.42
N VAL B 160 -3.26 -15.39 0.54
CA VAL B 160 -3.62 -14.03 0.93
C VAL B 160 -5.12 -13.87 1.22
N LYS B 161 -5.92 -14.91 0.96
CA LYS B 161 -7.37 -14.80 1.09
C LYS B 161 -7.83 -14.34 2.48
N PRO B 162 -7.35 -14.98 3.57
CA PRO B 162 -7.72 -14.55 4.93
C PRO B 162 -7.39 -13.09 5.32
N SER B 163 -6.43 -12.46 4.64
CA SER B 163 -6.08 -11.06 4.98
C SER B 163 -7.11 -10.07 4.45
N GLY B 164 -7.90 -10.51 3.47
CA GLY B 164 -8.84 -9.62 2.79
C GLY B 164 -8.16 -8.69 1.79
N LEU B 165 -6.86 -8.86 1.56
CA LEU B 165 -6.13 -7.99 0.64
C LEU B 165 -5.89 -8.70 -0.69
N SER B 166 -5.72 -7.95 -1.78
CA SER B 166 -5.22 -8.55 -3.01
C SER B 166 -3.77 -9.01 -2.80
N PHE B 167 -3.25 -9.86 -3.68
CA PHE B 167 -1.88 -10.33 -3.56
C PHE B 167 -0.94 -9.14 -3.51
N GLU B 168 -1.16 -8.18 -4.39
CA GLU B 168 -0.32 -6.98 -4.43
C GLU B 168 -0.32 -6.14 -3.16
N GLN B 169 -1.51 -5.87 -2.62
CA GLN B 169 -1.65 -5.10 -1.36
C GLN B 169 -1.01 -5.83 -0.19
N ALA B 170 -1.22 -7.15 -0.13
CA ALA B 170 -0.60 -8.00 0.89
C ALA B 170 0.93 -7.93 0.80
N MET B 171 1.47 -8.08 -0.40
CA MET B 171 2.91 -8.02 -0.61
C MET B 171 3.51 -6.65 -0.22
N GLN B 172 2.93 -5.57 -0.77
CA GLN B 172 3.27 -4.16 -0.44
C GLN B 172 3.31 -3.90 1.04
N THR B 173 2.23 -4.27 1.72
CA THR B 173 2.09 -3.90 3.11
C THR B 173 2.84 -4.83 4.07
N ARG B 174 2.95 -6.12 3.76
CA ARG B 174 3.47 -7.08 4.77
C ARG B 174 4.95 -7.46 4.58
N VAL B 175 5.47 -7.19 3.38
CA VAL B 175 6.87 -7.55 3.01
C VAL B 175 7.65 -6.31 2.54
N PHE B 176 7.19 -5.63 1.46
CA PHE B 176 7.99 -4.56 0.83
C PHE B 176 8.19 -3.38 1.79
N GLN B 177 7.11 -2.96 2.44
CA GLN B 177 7.14 -1.76 3.31
C GLN B 177 7.97 -1.98 4.59
N PRO B 178 7.72 -3.07 5.35
CA PRO B 178 8.52 -3.28 6.57
C PRO B 178 10.01 -3.43 6.31
N LEU B 179 10.35 -3.92 5.11
CA LEU B 179 11.76 -4.09 4.72
C LEU B 179 12.32 -2.91 3.94
N LYS B 180 11.52 -1.85 3.82
CA LYS B 180 11.90 -0.61 3.13
C LYS B 180 12.33 -0.84 1.68
N LEU B 181 11.60 -1.71 0.99
CA LEU B 181 11.79 -1.93 -0.43
C LEU B 181 10.88 -0.95 -1.20
N ASN B 182 11.35 0.28 -1.33
CA ASN B 182 10.57 1.38 -1.89
C ASN B 182 10.79 1.57 -3.37
N HIS B 183 11.58 0.68 -3.95
CA HIS B 183 11.73 0.64 -5.40
C HIS B 183 11.57 -0.79 -5.89
N THR B 184 10.56 -1.48 -5.34
CA THR B 184 10.25 -2.86 -5.72
C THR B 184 8.74 -2.93 -6.01
N TRP B 185 8.40 -3.42 -7.21
CA TRP B 185 7.05 -3.29 -7.79
C TRP B 185 6.53 -4.55 -8.45
N ILE B 186 5.27 -4.86 -8.20
CA ILE B 186 4.53 -5.81 -9.01
C ILE B 186 4.07 -5.11 -10.28
N ASN B 187 3.51 -3.91 -10.13
CA ASN B 187 3.19 -3.04 -11.25
C ASN B 187 4.01 -1.75 -11.18
N VAL B 188 4.80 -1.47 -12.21
CA VAL B 188 5.66 -0.26 -12.23
C VAL B 188 4.81 0.99 -12.51
N PRO B 189 4.85 2.00 -11.60
CA PRO B 189 4.14 3.28 -11.76
C PRO B 189 4.63 4.11 -12.95
N PRO B 190 3.74 4.95 -13.52
CA PRO B 190 4.18 5.90 -14.56
C PRO B 190 5.45 6.69 -14.21
N ALA B 191 5.56 7.14 -12.96
CA ALA B 191 6.70 7.95 -12.53
C ALA B 191 8.01 7.16 -12.44
N GLU B 192 7.89 5.84 -12.41
CA GLU B 192 9.03 4.95 -12.26
C GLU B 192 9.47 4.33 -13.59
N GLU B 193 8.65 4.51 -14.63
CA GLU B 193 8.93 3.95 -15.95
C GLU B 193 10.26 4.39 -16.53
N LYS B 194 10.71 5.60 -16.18
CA LYS B 194 12.00 6.09 -16.65
C LYS B 194 13.17 5.24 -16.16
N ASN B 195 12.94 4.48 -15.09
CA ASN B 195 13.97 3.64 -14.47
C ASN B 195 13.87 2.16 -14.87
N TYR B 196 12.77 1.80 -15.53
CA TYR B 196 12.50 0.43 -15.94
C TYR B 196 13.33 0.01 -17.18
N ALA B 197 14.36 -0.82 -16.97
CA ALA B 197 15.20 -1.35 -18.07
C ALA B 197 14.33 -2.04 -19.10
N TRP B 198 14.77 -2.01 -20.36
CA TRP B 198 14.23 -2.90 -21.36
C TRP B 198 14.97 -4.23 -21.33
N GLY B 199 14.24 -5.32 -21.56
CA GLY B 199 14.86 -6.61 -21.76
C GLY B 199 15.24 -6.74 -23.22
N TYR B 200 16.22 -7.58 -23.51
CA TYR B 200 16.63 -7.80 -24.91
C TYR B 200 16.59 -9.28 -25.28
N ARG B 201 15.75 -9.59 -26.27
CA ARG B 201 15.65 -10.95 -26.79
C ARG B 201 15.84 -10.87 -28.29
N GLU B 202 16.89 -11.53 -28.79
CA GLU B 202 17.24 -11.49 -30.21
C GLU B 202 17.38 -10.04 -30.75
N GLY B 203 18.07 -9.21 -29.96
CA GLY B 203 18.26 -7.79 -30.26
C GLY B 203 17.02 -6.90 -30.22
N LYS B 204 15.88 -7.45 -29.83
CA LYS B 204 14.63 -6.67 -29.71
C LYS B 204 14.33 -6.29 -28.25
N ALA B 205 13.85 -5.06 -28.03
CA ALA B 205 13.50 -4.54 -26.71
C ALA B 205 12.17 -5.12 -26.26
N VAL B 206 12.17 -5.77 -25.09
CA VAL B 206 10.97 -6.50 -24.60
C VAL B 206 10.71 -6.34 -23.10
N HIS B 207 9.43 -6.37 -22.74
CA HIS B 207 8.99 -6.42 -21.35
C HIS B 207 8.03 -7.61 -21.13
N VAL B 208 8.04 -8.20 -19.94
CA VAL B 208 7.15 -9.35 -19.66
C VAL B 208 5.69 -8.99 -19.92
N SER B 209 4.97 -9.89 -20.61
CA SER B 209 3.55 -9.73 -20.90
C SER B 209 2.72 -10.15 -19.70
N PRO B 210 1.56 -9.50 -19.50
CA PRO B 210 0.62 -9.94 -18.47
C PRO B 210 0.19 -11.40 -18.70
N GLY B 211 -0.08 -12.10 -17.59
CA GLY B 211 -0.48 -13.49 -17.60
C GLY B 211 -1.12 -13.82 -16.26
N ALA B 212 -1.95 -14.87 -16.27
CA ALA B 212 -2.53 -15.44 -15.06
C ALA B 212 -1.47 -15.77 -14.01
N LEU B 213 -1.74 -15.27 -12.79
CA LEU B 213 -0.88 -15.49 -11.62
C LEU B 213 0.57 -15.04 -11.84
N ASP B 214 0.76 -14.06 -12.71
CA ASP B 214 2.10 -13.54 -13.00
C ASP B 214 2.80 -12.91 -11.78
N ALA B 215 2.02 -12.21 -10.95
CA ALA B 215 2.56 -11.45 -9.82
C ALA B 215 3.25 -12.40 -8.84
N GLU B 216 2.59 -13.54 -8.65
CA GLU B 216 2.93 -14.57 -7.68
C GLU B 216 4.10 -15.44 -8.15
N ALA B 217 4.16 -15.67 -9.46
CA ALA B 217 5.14 -16.59 -10.01
C ALA B 217 6.38 -15.91 -10.62
N TYR B 218 6.20 -14.83 -11.38
CA TYR B 218 7.34 -14.23 -12.10
C TYR B 218 7.27 -12.71 -12.25
N GLY B 219 6.41 -12.05 -11.49
CA GLY B 219 6.04 -10.68 -11.83
C GLY B 219 6.68 -9.49 -11.13
N VAL B 220 7.69 -9.71 -10.29
CA VAL B 220 8.31 -8.57 -9.56
C VAL B 220 9.45 -7.88 -10.33
N LYS B 221 9.51 -6.56 -10.18
CA LYS B 221 10.62 -5.77 -10.72
C LYS B 221 11.28 -5.05 -9.55
N SER B 222 12.62 -5.01 -9.53
CA SER B 222 13.33 -4.35 -8.42
C SER B 222 14.72 -3.83 -8.78
N THR B 223 15.27 -2.99 -7.92
CA THR B 223 16.59 -2.39 -8.16
C THR B 223 17.64 -3.24 -7.49
N ILE B 224 18.89 -3.08 -7.92
CA ILE B 224 20.03 -3.72 -7.26
C ILE B 224 20.12 -3.41 -5.77
N GLU B 225 19.72 -2.19 -5.40
CA GLU B 225 19.74 -1.75 -4.00
C GLU B 225 18.70 -2.44 -3.15
N ASP B 226 17.46 -2.48 -3.63
CA ASP B 226 16.41 -3.22 -2.93
C ASP B 226 16.70 -4.72 -2.87
N MET B 227 17.33 -5.24 -3.92
CA MET B 227 17.61 -6.67 -3.92
C MET B 227 18.74 -7.02 -2.95
N ALA B 228 19.67 -6.08 -2.69
CA ALA B 228 20.71 -6.33 -1.69
C ALA B 228 20.08 -6.30 -0.30
N ARG B 229 19.12 -5.40 -0.09
CA ARG B 229 18.33 -5.36 1.16
C ARG B 229 17.54 -6.66 1.39
N TRP B 230 16.92 -7.18 0.33
CA TRP B 230 16.23 -8.47 0.36
C TRP B 230 17.17 -9.60 0.80
N VAL B 231 18.36 -9.66 0.21
CA VAL B 231 19.39 -10.60 0.67
C VAL B 231 19.79 -10.42 2.14
N GLN B 232 20.04 -9.17 2.58
CA GLN B 232 20.35 -8.88 3.99
C GLN B 232 19.23 -9.38 4.91
N SER B 233 17.98 -9.18 4.50
CA SER B 233 16.81 -9.59 5.29
C SER B 233 16.69 -11.13 5.42
N ASN B 234 17.09 -11.85 4.38
CA ASN B 234 16.98 -13.32 4.41
C ASN B 234 18.23 -13.96 5.00
N LEU B 235 19.33 -13.21 5.03
CA LEU B 235 20.58 -13.64 5.71
C LEU B 235 20.44 -13.57 7.21
N LYS B 236 19.77 -12.53 7.69
CA LYS B 236 19.68 -12.22 9.10
C LYS B 236 18.25 -11.80 9.48
N PRO B 237 17.31 -12.78 9.55
CA PRO B 237 15.88 -12.51 9.85
C PRO B 237 15.65 -11.94 11.26
N LEU B 238 16.55 -12.25 12.19
CA LEU B 238 16.41 -11.84 13.58
C LEU B 238 16.64 -10.35 13.83
N ASP B 239 17.15 -9.64 12.82
CA ASP B 239 17.20 -8.19 12.87
C ASP B 239 15.85 -7.54 12.52
N ILE B 240 14.97 -8.31 11.86
CA ILE B 240 13.64 -7.82 11.51
C ILE B 240 12.75 -7.64 12.75
N ASN B 241 12.24 -6.42 12.91
CA ASN B 241 11.41 -6.06 14.06
C ASN B 241 9.97 -6.59 14.01
N GLU B 242 9.40 -6.76 12.82
CA GLU B 242 8.06 -7.32 12.67
C GLU B 242 8.11 -8.83 12.88
N LYS B 243 7.50 -9.30 13.96
CA LYS B 243 7.63 -10.71 14.38
C LYS B 243 7.14 -11.75 13.35
N THR B 244 5.89 -11.62 12.86
CA THR B 244 5.38 -12.53 11.87
C THR B 244 6.23 -12.55 10.57
N LEU B 245 6.84 -11.40 10.23
CA LEU B 245 7.70 -11.35 9.04
C LEU B 245 9.04 -12.04 9.30
N GLN B 246 9.56 -11.87 10.51
CA GLN B 246 10.82 -12.51 10.91
C GLN B 246 10.62 -14.01 10.82
N GLN B 247 9.54 -14.48 11.44
CA GLN B 247 9.15 -15.89 11.36
C GLN B 247 8.87 -16.40 9.95
N GLY B 248 8.17 -15.61 9.13
CA GLY B 248 7.92 -15.97 7.72
C GLY B 248 9.18 -16.19 6.91
N ILE B 249 10.12 -15.25 6.98
CA ILE B 249 11.46 -15.41 6.37
C ILE B 249 12.16 -16.70 6.80
N GLN B 250 12.12 -16.99 8.11
CA GLN B 250 12.63 -18.26 8.63
C GLN B 250 11.86 -19.49 8.08
N LEU B 251 10.53 -19.41 8.00
CA LEU B 251 9.73 -20.53 7.46
C LEU B 251 10.02 -20.84 5.97
N ALA B 252 10.34 -19.79 5.20
CA ALA B 252 10.71 -19.94 3.80
C ALA B 252 12.02 -20.71 3.56
N GLN B 253 12.86 -20.78 4.58
CA GLN B 253 14.12 -21.52 4.52
C GLN B 253 14.04 -22.84 5.27
N SER B 254 12.86 -23.23 5.74
CA SER B 254 12.68 -24.56 6.32
C SER B 254 12.74 -25.53 5.14
N ARG B 255 13.19 -26.75 5.43
CA ARG B 255 13.39 -27.75 4.40
C ARG B 255 12.23 -28.76 4.47
N TYR B 256 11.34 -28.67 3.49
CA TYR B 256 10.09 -29.43 3.47
C TYR B 256 10.25 -30.75 2.74
N TRP B 257 11.17 -30.77 1.76
CA TRP B 257 11.39 -31.93 0.90
C TRP B 257 12.85 -32.01 0.51
N GLN B 258 13.32 -33.22 0.31
CA GLN B 258 14.64 -33.45 -0.25
C GLN B 258 14.50 -34.19 -1.58
N THR B 259 15.31 -33.76 -2.52
CA THR B 259 15.53 -34.49 -3.75
C THR B 259 17.02 -34.33 -4.07
N GLY B 260 17.73 -35.45 -4.19
CA GLY B 260 19.18 -35.39 -4.44
C GLY B 260 19.87 -34.68 -3.28
N ASP B 261 20.80 -33.78 -3.60
CA ASP B 261 21.39 -32.93 -2.56
C ASP B 261 20.68 -31.57 -2.30
N MET B 262 19.45 -31.45 -2.77
CA MET B 262 18.67 -30.18 -2.69
C MET B 262 17.43 -30.30 -1.79
N TYR B 263 17.12 -29.22 -1.08
CA TYR B 263 15.95 -29.15 -0.22
C TYR B 263 15.02 -28.03 -0.69
N GLN B 264 13.73 -28.36 -0.86
CA GLN B 264 12.71 -27.36 -1.21
C GLN B 264 12.22 -26.60 0.03
N GLY B 265 12.44 -25.28 0.03
CA GLY B 265 11.78 -24.38 0.96
C GLY B 265 10.59 -23.70 0.28
N LEU B 266 10.18 -22.55 0.81
CA LEU B 266 9.10 -21.80 0.19
C LEU B 266 9.71 -20.74 -0.70
N GLY B 267 9.69 -20.97 -2.01
CA GLY B 267 10.35 -20.07 -2.92
C GLY B 267 11.82 -20.42 -3.00
N TRP B 268 12.56 -20.22 -1.91
CA TRP B 268 13.99 -20.54 -1.84
C TRP B 268 14.24 -22.04 -2.01
N GLU B 269 15.38 -22.37 -2.63
CA GLU B 269 15.94 -23.71 -2.63
C GLU B 269 17.28 -23.70 -1.86
N MET B 270 17.60 -24.81 -1.21
CA MET B 270 18.74 -24.89 -0.29
C MET B 270 19.58 -26.14 -0.50
N LEU B 271 20.88 -26.00 -0.29
CA LEU B 271 21.80 -27.15 -0.18
C LEU B 271 22.70 -26.93 1.03
N ASP B 272 23.23 -28.00 1.63
CA ASP B 272 24.15 -27.85 2.78
C ASP B 272 25.45 -27.17 2.36
N TRP B 273 25.94 -26.25 3.20
CA TRP B 273 27.23 -25.61 2.95
C TRP B 273 28.30 -26.37 3.76
N PRO B 274 29.50 -26.62 3.16
CA PRO B 274 29.93 -26.38 1.77
C PRO B 274 29.21 -27.24 0.73
N VAL B 275 28.96 -26.64 -0.43
CA VAL B 275 28.26 -27.28 -1.54
C VAL B 275 29.26 -27.72 -2.60
N ASN B 276 28.95 -28.83 -3.26
CA ASN B 276 29.65 -29.22 -4.50
C ASN B 276 29.16 -28.28 -5.61
N PRO B 277 30.06 -27.42 -6.11
CA PRO B 277 29.71 -26.42 -7.14
C PRO B 277 29.12 -27.00 -8.42
N ASP B 278 29.56 -28.19 -8.83
CA ASP B 278 29.02 -28.80 -10.06
C ASP B 278 27.54 -29.14 -9.91
N SER B 279 27.17 -29.53 -8.70
CA SER B 279 25.81 -29.82 -8.35
C SER B 279 24.87 -28.62 -8.52
N ILE B 280 25.26 -27.43 -8.04
CA ILE B 280 24.44 -26.23 -8.24
C ILE B 280 24.51 -25.69 -9.65
N ILE B 281 25.71 -25.66 -10.24
CA ILE B 281 25.87 -25.21 -11.62
C ILE B 281 25.11 -26.12 -12.63
N ASN B 282 25.42 -27.41 -12.62
CA ASN B 282 24.78 -28.36 -13.53
C ASN B 282 23.27 -28.50 -13.32
N GLY B 283 22.86 -28.56 -12.05
CA GLY B 283 21.45 -28.66 -11.67
C GLY B 283 20.60 -27.46 -12.03
N SER B 284 21.25 -26.34 -12.33
CA SER B 284 20.57 -25.10 -12.67
C SER B 284 20.11 -25.09 -14.11
N ASP B 285 20.72 -25.95 -14.92
CA ASP B 285 20.28 -26.11 -16.31
C ASP B 285 18.81 -26.53 -16.34
N ASN B 286 18.02 -25.88 -17.18
CA ASN B 286 16.58 -26.17 -17.28
C ASN B 286 16.25 -27.63 -17.65
N LYS B 287 17.11 -28.31 -18.39
CA LYS B 287 16.89 -29.74 -18.69
C LYS B 287 16.75 -30.56 -17.39
N ILE B 288 17.47 -30.16 -16.36
CA ILE B 288 17.39 -30.78 -15.03
C ILE B 288 16.39 -30.09 -14.09
N ALA B 289 16.56 -28.77 -13.92
CA ALA B 289 15.75 -27.94 -13.03
C ALA B 289 14.26 -28.07 -13.30
N LEU B 290 13.87 -28.28 -14.55
CA LEU B 290 12.44 -28.32 -14.92
C LEU B 290 11.85 -29.74 -15.12
N ALA B 291 12.66 -30.78 -14.87
CA ALA B 291 12.20 -32.16 -15.02
C ALA B 291 11.68 -32.71 -13.67
N ALA B 292 10.82 -33.72 -13.70
CA ALA B 292 10.25 -34.28 -12.44
C ALA B 292 11.30 -35.10 -11.70
N ARG B 293 11.31 -35.01 -10.36
CA ARG B 293 12.23 -35.76 -9.51
C ARG B 293 11.47 -36.25 -8.26
N PRO B 294 11.78 -37.47 -7.79
CA PRO B 294 11.14 -37.97 -6.56
C PRO B 294 11.55 -37.15 -5.32
N VAL B 295 10.60 -36.95 -4.40
CA VAL B 295 10.89 -36.25 -3.16
C VAL B 295 10.65 -37.11 -1.92
N LYS B 296 11.49 -36.89 -0.92
CA LYS B 296 11.34 -37.47 0.42
C LYS B 296 10.83 -36.40 1.36
N ALA B 297 9.71 -36.69 2.02
CA ALA B 297 9.15 -35.78 3.02
C ALA B 297 10.11 -35.58 4.19
N ILE B 298 10.22 -34.35 4.66
CA ILE B 298 10.99 -34.06 5.87
C ILE B 298 9.96 -33.70 6.94
N THR B 299 9.86 -34.53 7.97
CA THR B 299 8.77 -34.42 8.94
C THR B 299 9.30 -34.40 10.38
N PRO B 300 9.13 -33.27 11.10
CA PRO B 300 8.64 -31.97 10.63
C PRO B 300 9.73 -31.31 9.76
N PRO B 301 9.39 -30.25 8.99
CA PRO B 301 10.38 -29.59 8.16
C PRO B 301 11.53 -29.13 9.04
N THR B 302 12.75 -29.21 8.52
CA THR B 302 13.93 -28.80 9.28
C THR B 302 13.93 -27.28 9.37
N PRO B 303 13.94 -26.72 10.60
CA PRO B 303 14.10 -25.26 10.75
C PRO B 303 15.32 -24.75 9.97
N ALA B 304 15.22 -23.56 9.38
CA ALA B 304 16.33 -22.95 8.63
C ALA B 304 17.74 -23.33 9.17
N VAL B 305 18.57 -23.89 8.30
CA VAL B 305 19.91 -24.35 8.64
C VAL B 305 20.91 -23.26 8.22
N ARG B 306 21.65 -22.72 9.19
CA ARG B 306 22.58 -21.61 8.92
C ARG B 306 23.64 -21.96 7.88
N ALA B 307 24.15 -23.20 7.94
CA ALA B 307 25.18 -23.65 6.99
C ALA B 307 24.51 -24.18 5.72
N SER B 308 23.89 -23.27 4.98
CA SER B 308 23.23 -23.59 3.73
C SER B 308 23.69 -22.62 2.66
N TRP B 309 23.70 -23.11 1.42
CA TRP B 309 23.73 -22.27 0.24
C TRP B 309 22.27 -22.13 -0.18
N VAL B 310 21.75 -20.91 -0.13
CA VAL B 310 20.33 -20.64 -0.43
C VAL B 310 20.28 -19.82 -1.72
N HIS B 311 19.46 -20.23 -2.69
CA HIS B 311 19.47 -19.56 -3.99
C HIS B 311 18.17 -19.65 -4.79
N LYS B 312 18.07 -18.84 -5.84
CA LYS B 312 16.96 -18.95 -6.79
C LYS B 312 17.42 -18.27 -8.08
N THR B 313 17.23 -18.93 -9.22
CA THR B 313 17.36 -18.32 -10.54
C THR B 313 16.00 -17.80 -11.03
N GLY B 314 16.03 -16.87 -11.98
CA GLY B 314 14.81 -16.29 -12.51
C GLY B 314 15.07 -15.78 -13.90
N ALA B 315 14.06 -15.87 -14.74
CA ALA B 315 14.13 -15.35 -16.09
C ALA B 315 12.77 -14.83 -16.49
N THR B 316 12.79 -13.94 -17.47
CA THR B 316 11.63 -13.64 -18.30
C THR B 316 12.19 -13.75 -19.72
N GLY B 317 11.41 -13.29 -20.69
CA GLY B 317 11.84 -13.32 -22.08
C GLY B 317 13.07 -12.46 -22.30
N GLY B 318 13.14 -11.34 -21.56
CA GLY B 318 14.23 -10.36 -21.74
C GLY B 318 15.32 -10.27 -20.66
N PHE B 319 15.14 -10.95 -19.52
CA PHE B 319 16.00 -10.77 -18.35
C PHE B 319 16.52 -12.11 -17.80
N GLY B 320 17.65 -12.06 -17.10
CA GLY B 320 18.19 -13.19 -16.41
C GLY B 320 18.69 -12.76 -15.06
N SER B 321 18.15 -13.36 -14.01
CA SER B 321 18.53 -12.99 -12.64
C SER B 321 18.97 -14.20 -11.81
N TYR B 322 19.74 -13.92 -10.75
CA TYR B 322 20.16 -14.94 -9.81
C TYR B 322 20.46 -14.33 -8.44
N VAL B 323 20.03 -15.01 -7.37
CA VAL B 323 20.39 -14.62 -6.00
C VAL B 323 20.93 -15.86 -5.28
N ALA B 324 22.02 -15.71 -4.52
CA ALA B 324 22.53 -16.79 -3.68
C ALA B 324 23.13 -16.20 -2.39
N PHE B 325 23.02 -16.93 -1.27
CA PHE B 325 23.58 -16.46 0.01
C PHE B 325 23.82 -17.61 0.98
N ILE B 326 24.70 -17.35 1.94
CA ILE B 326 25.10 -18.33 2.94
C ILE B 326 24.95 -17.68 4.29
N PRO B 327 23.86 -18.00 5.02
CA PRO B 327 23.66 -17.37 6.35
C PRO B 327 24.86 -17.53 7.30
N GLU B 328 25.48 -18.72 7.31
CA GLU B 328 26.71 -19.02 8.07
C GLU B 328 27.80 -17.93 7.89
N LYS B 329 27.96 -17.48 6.64
CA LYS B 329 29.07 -16.63 6.25
C LYS B 329 28.72 -15.13 6.18
N GLU B 330 27.43 -14.80 6.31
CA GLU B 330 26.95 -13.42 6.16
C GLU B 330 27.31 -12.84 4.78
N LEU B 331 27.13 -13.69 3.77
CA LEU B 331 27.67 -13.51 2.44
C LEU B 331 26.60 -13.76 1.42
N GLY B 332 26.53 -12.92 0.39
CA GLY B 332 25.56 -13.17 -0.67
C GLY B 332 25.84 -12.37 -1.92
N ILE B 333 25.06 -12.67 -2.96
CA ILE B 333 25.18 -12.04 -4.26
C ILE B 333 23.79 -11.91 -4.93
N VAL B 334 23.60 -10.79 -5.64
CA VAL B 334 22.49 -10.55 -6.56
C VAL B 334 23.08 -10.20 -7.95
N MET B 335 22.70 -10.96 -8.97
CA MET B 335 23.09 -10.69 -10.35
C MET B 335 21.84 -10.42 -11.19
N LEU B 336 21.71 -9.19 -11.67
CA LEU B 336 20.53 -8.76 -12.45
C LEU B 336 20.97 -8.38 -13.88
N ALA B 337 20.41 -9.01 -14.92
CA ALA B 337 20.76 -8.67 -16.32
C ALA B 337 19.54 -8.48 -17.22
N ASN B 338 19.64 -7.60 -18.23
CA ASN B 338 18.55 -7.43 -19.22
C ASN B 338 18.75 -8.25 -20.52
N LYS B 339 19.26 -9.48 -20.34
CA LYS B 339 19.18 -10.54 -21.35
C LYS B 339 18.99 -11.89 -20.62
N ASN B 340 18.14 -12.77 -21.15
CA ASN B 340 18.05 -14.11 -20.60
C ASN B 340 19.21 -15.02 -21.09
N TYR B 341 20.25 -15.15 -20.29
CA TYR B 341 21.43 -15.96 -20.62
C TYR B 341 21.42 -17.26 -19.81
N PRO B 342 22.18 -18.29 -20.25
CA PRO B 342 22.09 -19.62 -19.61
C PRO B 342 22.28 -19.62 -18.08
N ASN B 343 21.39 -20.31 -17.39
CA ASN B 343 21.48 -20.48 -15.93
C ASN B 343 22.85 -20.94 -15.41
N PRO B 344 23.45 -22.01 -16.01
CA PRO B 344 24.75 -22.44 -15.49
C PRO B 344 25.85 -21.36 -15.56
N ALA B 345 25.76 -20.44 -16.51
CA ALA B 345 26.68 -19.29 -16.56
C ALA B 345 26.52 -18.32 -15.36
N ARG B 346 25.26 -18.09 -14.93
CA ARG B 346 25.01 -17.22 -13.77
C ARG B 346 25.54 -17.86 -12.50
N VAL B 347 25.19 -19.12 -12.30
CA VAL B 347 25.58 -19.87 -11.10
C VAL B 347 27.11 -20.03 -11.02
N ASP B 348 27.75 -20.33 -12.15
CA ASP B 348 29.20 -20.43 -12.20
C ASP B 348 29.87 -19.15 -11.75
N ALA B 349 29.42 -18.02 -12.29
CA ALA B 349 29.97 -16.70 -11.91
C ALA B 349 29.76 -16.34 -10.43
N ALA B 350 28.55 -16.58 -9.92
CA ALA B 350 28.24 -16.44 -8.50
C ALA B 350 29.17 -17.28 -7.62
N TRP B 351 29.34 -18.56 -7.97
CA TRP B 351 30.26 -19.45 -7.25
C TRP B 351 31.67 -18.88 -7.22
N GLN B 352 32.15 -18.38 -8.36
CA GLN B 352 33.52 -17.85 -8.45
C GLN B 352 33.72 -16.74 -7.43
N ILE B 353 32.71 -15.88 -7.30
CA ILE B 353 32.75 -14.70 -6.43
C ILE B 353 32.61 -15.10 -4.96
N LEU B 354 31.50 -15.76 -4.61
CA LEU B 354 31.27 -16.20 -3.24
C LEU B 354 32.36 -17.18 -2.73
N ASN B 355 32.93 -17.99 -3.61
CA ASN B 355 33.98 -18.94 -3.18
C ASN B 355 35.30 -18.21 -2.83
N ALA B 356 35.61 -17.18 -3.59
CA ALA B 356 36.76 -16.32 -3.34
C ALA B 356 36.66 -15.53 -2.04
N LEU B 357 35.43 -15.26 -1.60
CA LEU B 357 35.16 -14.30 -0.52
C LEU B 357 34.82 -14.98 0.80
N GLN B 358 34.55 -16.29 0.72
CA GLN B 358 34.15 -17.06 1.88
C GLN B 358 35.36 -17.29 2.82
#